data_2AB7
# 
_entry.id   2AB7 
# 
_audit_conform.dict_name       mmcif_pdbx.dic 
_audit_conform.dict_version    5.392 
_audit_conform.dict_location   http://mmcif.pdb.org/dictionaries/ascii/mmcif_pdbx.dic 
# 
loop_
_database_2.database_id 
_database_2.database_code 
_database_2.pdbx_database_accession 
_database_2.pdbx_DOI 
PDB   2AB7         pdb_00002ab7 10.2210/pdb2ab7/pdb 
RCSB  RCSB033704   ?            ?                   
WWPDB D_1000033704 ?            ?                   
# 
loop_
_pdbx_audit_revision_history.ordinal 
_pdbx_audit_revision_history.data_content_type 
_pdbx_audit_revision_history.major_revision 
_pdbx_audit_revision_history.minor_revision 
_pdbx_audit_revision_history.revision_date 
1 'Structure model' 1 0 2005-08-02 
2 'Structure model' 1 1 2008-04-30 
3 'Structure model' 1 2 2011-07-13 
4 'Structure model' 1 3 2022-03-09 
5 'Structure model' 1 4 2024-05-22 
# 
_pdbx_audit_revision_details.ordinal             1 
_pdbx_audit_revision_details.revision_ordinal    1 
_pdbx_audit_revision_details.data_content_type   'Structure model' 
_pdbx_audit_revision_details.provider            repository 
_pdbx_audit_revision_details.type                'Initial release' 
_pdbx_audit_revision_details.description         ? 
_pdbx_audit_revision_details.details             ? 
# 
loop_
_pdbx_audit_revision_group.ordinal 
_pdbx_audit_revision_group.revision_ordinal 
_pdbx_audit_revision_group.data_content_type 
_pdbx_audit_revision_group.group 
1 2 'Structure model' 'Version format compliance' 
2 3 'Structure model' 'Version format compliance' 
3 4 'Structure model' 'Data collection'           
4 4 'Structure model' 'Database references'       
5 4 'Structure model' 'Derived calculations'      
6 5 'Structure model' 'Data collection'           
# 
loop_
_pdbx_audit_revision_category.ordinal 
_pdbx_audit_revision_category.revision_ordinal 
_pdbx_audit_revision_category.data_content_type 
_pdbx_audit_revision_category.category 
1 4 'Structure model' database_2            
2 4 'Structure model' pdbx_nmr_software     
3 4 'Structure model' pdbx_struct_assembly  
4 4 'Structure model' pdbx_struct_oper_list 
5 4 'Structure model' struct_conn           
6 4 'Structure model' struct_site           
7 5 'Structure model' chem_comp_atom        
8 5 'Structure model' chem_comp_bond        
# 
loop_
_pdbx_audit_revision_item.ordinal 
_pdbx_audit_revision_item.revision_ordinal 
_pdbx_audit_revision_item.data_content_type 
_pdbx_audit_revision_item.item 
1  4 'Structure model' '_database_2.pdbx_DOI'                
2  4 'Structure model' '_database_2.pdbx_database_accession' 
3  4 'Structure model' '_pdbx_nmr_software.name'             
4  4 'Structure model' '_struct_conn.ptnr1_auth_comp_id'     
5  4 'Structure model' '_struct_conn.ptnr1_auth_seq_id'      
6  4 'Structure model' '_struct_conn.ptnr1_label_asym_id'    
7  4 'Structure model' '_struct_conn.ptnr1_label_atom_id'    
8  4 'Structure model' '_struct_conn.ptnr1_label_comp_id'    
9  4 'Structure model' '_struct_conn.ptnr1_label_seq_id'     
10 4 'Structure model' '_struct_conn.ptnr2_auth_comp_id'     
11 4 'Structure model' '_struct_conn.ptnr2_auth_seq_id'      
12 4 'Structure model' '_struct_conn.ptnr2_label_asym_id'    
13 4 'Structure model' '_struct_conn.ptnr2_label_atom_id'    
14 4 'Structure model' '_struct_conn.ptnr2_label_comp_id'    
15 4 'Structure model' '_struct_conn.ptnr2_label_seq_id'     
16 4 'Structure model' '_struct_site.pdbx_auth_asym_id'      
17 4 'Structure model' '_struct_site.pdbx_auth_comp_id'      
18 4 'Structure model' '_struct_site.pdbx_auth_seq_id'       
# 
_pdbx_database_status.status_code                     REL 
_pdbx_database_status.entry_id                        2AB7 
_pdbx_database_status.recvd_initial_deposition_date   2005-07-14 
_pdbx_database_status.deposit_site                    RCSB 
_pdbx_database_status.process_site                    RCSB 
_pdbx_database_status.status_code_sf                  ? 
_pdbx_database_status.status_code_mr                  ? 
_pdbx_database_status.SG_entry                        ? 
_pdbx_database_status.pdb_format_compatible           Y 
_pdbx_database_status.status_code_cs                  ? 
_pdbx_database_status.status_code_nmr_data            ? 
_pdbx_database_status.methods_development_category    ? 
# 
_pdbx_database_related.db_name        PDB 
_pdbx_database_related.db_id          2AB3 
_pdbx_database_related.details        
'This protein has the same sequence as ZNF29G29R with the terminal glycine replaced by an arginine.' 
_pdbx_database_related.content_type   unspecified 
# 
loop_
_audit_author.name 
_audit_author.pdbx_ordinal 
'Mishra, S.H.'  1 
'Shelley, C.M.' 2 
'Darby, M.K.'   3 
'Germann, M.W.' 4 
# 
_citation.id                        primary 
_citation.title                     
;Solution structures and characterization of human immunodeficiency virus Rev responsive element IIB RNA targeting zinc finger proteins.
;
_citation.journal_abbrev            Biopolymers 
_citation.journal_volume            83 
_citation.page_first                352 
_citation.page_last                 364 
_citation.year                      2006 
_citation.journal_id_ASTM           BIPMAA 
_citation.country                   US 
_citation.journal_id_ISSN           0006-3525 
_citation.journal_id_CSD            0161 
_citation.book_publisher            ? 
_citation.pdbx_database_id_PubMed   16826557 
_citation.pdbx_database_id_DOI      10.1002/bip.20565 
# 
loop_
_citation_author.citation_id 
_citation_author.name 
_citation_author.ordinal 
_citation_author.identifier_ORCID 
primary 'Mishra, S.H.'  1 ? 
primary 'Shelley, C.M.' 2 ? 
primary 'Barrow, D.J.'  3 ? 
primary 'Darby, M.K.'   4 ? 
primary 'Germann, M.W.' 5 ? 
# 
loop_
_entity.id 
_entity.type 
_entity.src_method 
_entity.pdbx_description 
_entity.formula_weight 
_entity.pdbx_number_of_molecules 
_entity.pdbx_ec 
_entity.pdbx_mutation 
_entity.pdbx_fragment 
_entity.details 
1 polymer     man ZNF29G29R  3657.288 1 ? G29R 'Single Zinc Finger Protein' ? 
2 non-polymer syn 'ZINC ION' 65.409   1 ? ?    ?                            ? 
# 
_entity_poly.entity_id                      1 
_entity_poly.type                           'polypeptide(L)' 
_entity_poly.nstd_linkage                   no 
_entity_poly.nstd_monomer                   no 
_entity_poly.pdbx_seq_one_letter_code       MVYVCHFENCGRSFNDRRKLNRHKKIHTR 
_entity_poly.pdbx_seq_one_letter_code_can   MVYVCHFENCGRSFNDRRKLNRHKKIHTR 
_entity_poly.pdbx_strand_id                 A 
_entity_poly.pdbx_target_identifier         ? 
# 
_pdbx_entity_nonpoly.entity_id   2 
_pdbx_entity_nonpoly.name        'ZINC ION' 
_pdbx_entity_nonpoly.comp_id     ZN 
# 
loop_
_entity_poly_seq.entity_id 
_entity_poly_seq.num 
_entity_poly_seq.mon_id 
_entity_poly_seq.hetero 
1 1  MET n 
1 2  VAL n 
1 3  TYR n 
1 4  VAL n 
1 5  CYS n 
1 6  HIS n 
1 7  PHE n 
1 8  GLU n 
1 9  ASN n 
1 10 CYS n 
1 11 GLY n 
1 12 ARG n 
1 13 SER n 
1 14 PHE n 
1 15 ASN n 
1 16 ASP n 
1 17 ARG n 
1 18 ARG n 
1 19 LYS n 
1 20 LEU n 
1 21 ASN n 
1 22 ARG n 
1 23 HIS n 
1 24 LYS n 
1 25 LYS n 
1 26 ILE n 
1 27 HIS n 
1 28 THR n 
1 29 ARG n 
# 
_entity_src_gen.entity_id                          1 
_entity_src_gen.pdbx_src_id                        1 
_entity_src_gen.pdbx_alt_source_flag               sample 
_entity_src_gen.pdbx_seq_type                      ? 
_entity_src_gen.pdbx_beg_seq_num                   ? 
_entity_src_gen.pdbx_end_seq_num                   ? 
_entity_src_gen.gene_src_common_name               ? 
_entity_src_gen.gene_src_genus                     Escherichia 
_entity_src_gen.pdbx_gene_src_gene                 ? 
_entity_src_gen.gene_src_species                   ? 
_entity_src_gen.gene_src_strain                    ? 
_entity_src_gen.gene_src_tissue                    ? 
_entity_src_gen.gene_src_tissue_fraction           ? 
_entity_src_gen.gene_src_details                   ? 
_entity_src_gen.pdbx_gene_src_fragment             ? 
_entity_src_gen.pdbx_gene_src_scientific_name      'Escherichia coli' 
_entity_src_gen.pdbx_gene_src_ncbi_taxonomy_id     562 
_entity_src_gen.pdbx_gene_src_variant              ? 
_entity_src_gen.pdbx_gene_src_cell_line            ? 
_entity_src_gen.pdbx_gene_src_atcc                 ? 
_entity_src_gen.pdbx_gene_src_organ                ? 
_entity_src_gen.pdbx_gene_src_organelle            ? 
_entity_src_gen.pdbx_gene_src_cell                 ? 
_entity_src_gen.pdbx_gene_src_cellular_location    ? 
_entity_src_gen.host_org_common_name               ? 
_entity_src_gen.pdbx_host_org_scientific_name      'Escherichia coli' 
_entity_src_gen.pdbx_host_org_ncbi_taxonomy_id     562 
_entity_src_gen.host_org_genus                     Escherichia 
_entity_src_gen.pdbx_host_org_gene                 ? 
_entity_src_gen.pdbx_host_org_organ                ? 
_entity_src_gen.host_org_species                   ? 
_entity_src_gen.pdbx_host_org_tissue               ? 
_entity_src_gen.pdbx_host_org_tissue_fraction      ? 
_entity_src_gen.pdbx_host_org_strain               'BL21DE3 pLys S (Novagen)' 
_entity_src_gen.pdbx_host_org_variant              ? 
_entity_src_gen.pdbx_host_org_cell_line            ? 
_entity_src_gen.pdbx_host_org_atcc                 ? 
_entity_src_gen.pdbx_host_org_culture_collection   ? 
_entity_src_gen.pdbx_host_org_cell                 ? 
_entity_src_gen.pdbx_host_org_organelle            ? 
_entity_src_gen.pdbx_host_org_cellular_location    ? 
_entity_src_gen.pdbx_host_org_vector_type          Plasmid 
_entity_src_gen.pdbx_host_org_vector               ? 
_entity_src_gen.host_org_details                   ? 
_entity_src_gen.expression_system_id               ? 
_entity_src_gen.plasmid_name                       'pET32b(+)EK/Lic' 
_entity_src_gen.plasmid_details                    'Designed zinc finger protein by Phage display' 
_entity_src_gen.pdbx_description                   ? 
# 
loop_
_chem_comp.id 
_chem_comp.type 
_chem_comp.mon_nstd_flag 
_chem_comp.name 
_chem_comp.pdbx_synonyms 
_chem_comp.formula 
_chem_comp.formula_weight 
ARG 'L-peptide linking' y ARGININE        ? 'C6 H15 N4 O2 1' 175.209 
ASN 'L-peptide linking' y ASPARAGINE      ? 'C4 H8 N2 O3'    132.118 
ASP 'L-peptide linking' y 'ASPARTIC ACID' ? 'C4 H7 N O4'     133.103 
CYS 'L-peptide linking' y CYSTEINE        ? 'C3 H7 N O2 S'   121.158 
GLU 'L-peptide linking' y 'GLUTAMIC ACID' ? 'C5 H9 N O4'     147.129 
GLY 'peptide linking'   y GLYCINE         ? 'C2 H5 N O2'     75.067  
HIS 'L-peptide linking' y HISTIDINE       ? 'C6 H10 N3 O2 1' 156.162 
ILE 'L-peptide linking' y ISOLEUCINE      ? 'C6 H13 N O2'    131.173 
LEU 'L-peptide linking' y LEUCINE         ? 'C6 H13 N O2'    131.173 
LYS 'L-peptide linking' y LYSINE          ? 'C6 H15 N2 O2 1' 147.195 
MET 'L-peptide linking' y METHIONINE      ? 'C5 H11 N O2 S'  149.211 
PHE 'L-peptide linking' y PHENYLALANINE   ? 'C9 H11 N O2'    165.189 
SER 'L-peptide linking' y SERINE          ? 'C3 H7 N O3'     105.093 
THR 'L-peptide linking' y THREONINE       ? 'C4 H9 N O3'     119.119 
TYR 'L-peptide linking' y TYROSINE        ? 'C9 H11 N O3'    181.189 
VAL 'L-peptide linking' y VALINE          ? 'C5 H11 N O2'    117.146 
ZN  non-polymer         . 'ZINC ION'      ? 'Zn 2'           65.409  
# 
loop_
_pdbx_poly_seq_scheme.asym_id 
_pdbx_poly_seq_scheme.entity_id 
_pdbx_poly_seq_scheme.seq_id 
_pdbx_poly_seq_scheme.mon_id 
_pdbx_poly_seq_scheme.ndb_seq_num 
_pdbx_poly_seq_scheme.pdb_seq_num 
_pdbx_poly_seq_scheme.auth_seq_num 
_pdbx_poly_seq_scheme.pdb_mon_id 
_pdbx_poly_seq_scheme.auth_mon_id 
_pdbx_poly_seq_scheme.pdb_strand_id 
_pdbx_poly_seq_scheme.pdb_ins_code 
_pdbx_poly_seq_scheme.hetero 
A 1 1  MET 1  1  1  MET MET A . n 
A 1 2  VAL 2  2  2  VAL VAL A . n 
A 1 3  TYR 3  3  3  TYR TYR A . n 
A 1 4  VAL 4  4  4  VAL VAL A . n 
A 1 5  CYS 5  5  5  CYS CYS A . n 
A 1 6  HIS 6  6  6  HIS HIS A . n 
A 1 7  PHE 7  7  7  PHE PHE A . n 
A 1 8  GLU 8  8  8  GLU GLU A . n 
A 1 9  ASN 9  9  9  ASN ASN A . n 
A 1 10 CYS 10 10 10 CYS CYS A . n 
A 1 11 GLY 11 11 11 GLY GLY A . n 
A 1 12 ARG 12 12 12 ARG ARG A . n 
A 1 13 SER 13 13 13 SER SER A . n 
A 1 14 PHE 14 14 14 PHE PHE A . n 
A 1 15 ASN 15 15 15 ASN ASN A . n 
A 1 16 ASP 16 16 16 ASP ASP A . n 
A 1 17 ARG 17 17 17 ARG ARG A . n 
A 1 18 ARG 18 18 18 ARG ARG A . n 
A 1 19 LYS 19 19 19 LYS LYS A . n 
A 1 20 LEU 20 20 20 LEU LEU A . n 
A 1 21 ASN 21 21 21 ASN ASN A . n 
A 1 22 ARG 22 22 22 ARG ARG A . n 
A 1 23 HIS 23 23 23 HIS HIS A . n 
A 1 24 LYS 24 24 24 LYS LYS A . n 
A 1 25 LYS 25 25 25 LYS LYS A . n 
A 1 26 ILE 26 26 26 ILE ILE A . n 
A 1 27 HIS 27 27 27 HIS HIS A . n 
A 1 28 THR 28 28 28 THR THR A . n 
A 1 29 ARG 29 29 29 ARG ARG A . n 
# 
_pdbx_nonpoly_scheme.asym_id         B 
_pdbx_nonpoly_scheme.entity_id       2 
_pdbx_nonpoly_scheme.mon_id          ZN 
_pdbx_nonpoly_scheme.ndb_seq_num     1 
_pdbx_nonpoly_scheme.pdb_seq_num     30 
_pdbx_nonpoly_scheme.auth_seq_num    30 
_pdbx_nonpoly_scheme.pdb_mon_id      ZN 
_pdbx_nonpoly_scheme.auth_mon_id     ZN 
_pdbx_nonpoly_scheme.pdb_strand_id   A 
_pdbx_nonpoly_scheme.pdb_ins_code    . 
# 
_exptl.entry_id          2AB7 
_exptl.method            'SOLUTION NMR' 
_exptl.crystals_number   ? 
# 
_exptl_crystal.id                    1 
_exptl_crystal.density_meas          ? 
_exptl_crystal.density_percent_sol   ? 
_exptl_crystal.density_Matthews      ? 
_exptl_crystal.description           ? 
_exptl_crystal.F_000                 ? 
_exptl_crystal.preparation           ? 
# 
_diffrn.id                     1 
_diffrn.ambient_temp           ? 
_diffrn.ambient_temp_details   ? 
_diffrn.crystal_id             1 
# 
_diffrn_radiation.diffrn_id                        1 
_diffrn_radiation.wavelength_id                    1 
_diffrn_radiation.monochromator                    ? 
_diffrn_radiation.pdbx_monochromatic_or_laue_m_l   M 
_diffrn_radiation.pdbx_diffrn_protocol             'SINGLE WAVELENGTH' 
_diffrn_radiation.pdbx_scattering_type             ? 
# 
_diffrn_radiation_wavelength.id           1 
_diffrn_radiation_wavelength.wavelength   . 
_diffrn_radiation_wavelength.wt           1.0 
# 
_struct.entry_id                  2AB7 
_struct.title                     'Solution structures and characterization of HIV RRE IIB RNA targeting zinc finger proteins' 
_struct.pdbx_model_details        ? 
_struct.pdbx_CASP_flag            ? 
_struct.pdbx_model_type_details   ? 
# 
_struct_keywords.entry_id        2AB7 
_struct_keywords.pdbx_keywords   'RNA BINDING PROTEIN' 
_struct_keywords.text            'zinc finger protein, beta beta alpha, RREIIB-TR, RNA BINDING PROTEIN' 
# 
loop_
_struct_asym.id 
_struct_asym.pdbx_blank_PDB_chainid_flag 
_struct_asym.pdbx_modified 
_struct_asym.entity_id 
_struct_asym.details 
A N N 1 ? 
B N N 2 ? 
# 
_struct_ref.id                         1 
_struct_ref.entity_id                  1 
_struct_ref.db_name                    PDB 
_struct_ref.db_code                    2AB7 
_struct_ref.pdbx_db_accession          2AB7 
_struct_ref.pdbx_db_isoform            ? 
_struct_ref.pdbx_seq_one_letter_code   ? 
_struct_ref.pdbx_align_begin           ? 
# 
_struct_ref_seq.align_id                      1 
_struct_ref_seq.ref_id                        1 
_struct_ref_seq.pdbx_PDB_id_code              2AB7 
_struct_ref_seq.pdbx_strand_id                A 
_struct_ref_seq.seq_align_beg                 1 
_struct_ref_seq.pdbx_seq_align_beg_ins_code   ? 
_struct_ref_seq.seq_align_end                 29 
_struct_ref_seq.pdbx_seq_align_end_ins_code   ? 
_struct_ref_seq.pdbx_db_accession             2AB7 
_struct_ref_seq.db_align_beg                  1 
_struct_ref_seq.pdbx_db_align_beg_ins_code    ? 
_struct_ref_seq.db_align_end                  29 
_struct_ref_seq.pdbx_db_align_end_ins_code    ? 
_struct_ref_seq.pdbx_auth_seq_align_beg       1 
_struct_ref_seq.pdbx_auth_seq_align_end       29 
# 
_pdbx_struct_assembly.id                   1 
_pdbx_struct_assembly.details              author_defined_assembly 
_pdbx_struct_assembly.method_details       ? 
_pdbx_struct_assembly.oligomeric_details   monomeric 
_pdbx_struct_assembly.oligomeric_count     1 
# 
_pdbx_struct_assembly_gen.assembly_id       1 
_pdbx_struct_assembly_gen.oper_expression   1 
_pdbx_struct_assembly_gen.asym_id_list      A,B 
# 
_pdbx_struct_oper_list.id                   1 
_pdbx_struct_oper_list.type                 'identity operation' 
_pdbx_struct_oper_list.name                 1_555 
_pdbx_struct_oper_list.symmetry_operation   x,y,z 
_pdbx_struct_oper_list.matrix[1][1]         1.0000000000 
_pdbx_struct_oper_list.matrix[1][2]         0.0000000000 
_pdbx_struct_oper_list.matrix[1][3]         0.0000000000 
_pdbx_struct_oper_list.vector[1]            0.0000000000 
_pdbx_struct_oper_list.matrix[2][1]         0.0000000000 
_pdbx_struct_oper_list.matrix[2][2]         1.0000000000 
_pdbx_struct_oper_list.matrix[2][3]         0.0000000000 
_pdbx_struct_oper_list.vector[2]            0.0000000000 
_pdbx_struct_oper_list.matrix[3][1]         0.0000000000 
_pdbx_struct_oper_list.matrix[3][2]         0.0000000000 
_pdbx_struct_oper_list.matrix[3][3]         1.0000000000 
_pdbx_struct_oper_list.vector[3]            0.0000000000 
# 
_struct_biol.id   1 
# 
loop_
_struct_conf.conf_type_id 
_struct_conf.id 
_struct_conf.pdbx_PDB_helix_id 
_struct_conf.beg_label_comp_id 
_struct_conf.beg_label_asym_id 
_struct_conf.beg_label_seq_id 
_struct_conf.pdbx_beg_PDB_ins_code 
_struct_conf.end_label_comp_id 
_struct_conf.end_label_asym_id 
_struct_conf.end_label_seq_id 
_struct_conf.pdbx_end_PDB_ins_code 
_struct_conf.beg_auth_comp_id 
_struct_conf.beg_auth_asym_id 
_struct_conf.beg_auth_seq_id 
_struct_conf.end_auth_comp_id 
_struct_conf.end_auth_asym_id 
_struct_conf.end_auth_seq_id 
_struct_conf.pdbx_PDB_helix_class 
_struct_conf.details 
_struct_conf.pdbx_PDB_helix_length 
HELX_P HELX_P1 1 ASP A 16 ? LYS A 24 ? ASP A 16 LYS A 24 1 ? 9 
HELX_P HELX_P2 2 LYS A 25 ? THR A 28 ? LYS A 25 THR A 28 5 ? 4 
# 
_struct_conf_type.id          HELX_P 
_struct_conf_type.criteria    ? 
_struct_conf_type.reference   ? 
# 
loop_
_struct_conn.id 
_struct_conn.conn_type_id 
_struct_conn.pdbx_leaving_atom_flag 
_struct_conn.pdbx_PDB_id 
_struct_conn.ptnr1_label_asym_id 
_struct_conn.ptnr1_label_comp_id 
_struct_conn.ptnr1_label_seq_id 
_struct_conn.ptnr1_label_atom_id 
_struct_conn.pdbx_ptnr1_label_alt_id 
_struct_conn.pdbx_ptnr1_PDB_ins_code 
_struct_conn.pdbx_ptnr1_standard_comp_id 
_struct_conn.ptnr1_symmetry 
_struct_conn.ptnr2_label_asym_id 
_struct_conn.ptnr2_label_comp_id 
_struct_conn.ptnr2_label_seq_id 
_struct_conn.ptnr2_label_atom_id 
_struct_conn.pdbx_ptnr2_label_alt_id 
_struct_conn.pdbx_ptnr2_PDB_ins_code 
_struct_conn.ptnr1_auth_asym_id 
_struct_conn.ptnr1_auth_comp_id 
_struct_conn.ptnr1_auth_seq_id 
_struct_conn.ptnr2_auth_asym_id 
_struct_conn.ptnr2_auth_comp_id 
_struct_conn.ptnr2_auth_seq_id 
_struct_conn.ptnr2_symmetry 
_struct_conn.pdbx_ptnr3_label_atom_id 
_struct_conn.pdbx_ptnr3_label_seq_id 
_struct_conn.pdbx_ptnr3_label_comp_id 
_struct_conn.pdbx_ptnr3_label_asym_id 
_struct_conn.pdbx_ptnr3_label_alt_id 
_struct_conn.pdbx_ptnr3_PDB_ins_code 
_struct_conn.details 
_struct_conn.pdbx_dist_value 
_struct_conn.pdbx_value_order 
_struct_conn.pdbx_role 
metalc1 metalc ? ? A CYS 5  SG  ? ? ? 1_555 B ZN . ZN ? ? A CYS 5  A ZN 30 1_555 ? ? ? ? ? ? ? 2.269 ? ? 
metalc2 metalc ? ? A CYS 5  O   ? ? ? 1_555 B ZN . ZN ? ? A CYS 5  A ZN 30 1_555 ? ? ? ? ? ? ? 2.730 ? ? 
metalc3 metalc ? ? A CYS 10 SG  ? ? ? 1_555 B ZN . ZN ? ? A CYS 10 A ZN 30 1_555 ? ? ? ? ? ? ? 2.291 ? ? 
metalc4 metalc ? ? A HIS 23 NE2 ? ? ? 1_555 B ZN . ZN ? ? A HIS 23 A ZN 30 1_555 ? ? ? ? ? ? ? 2.221 ? ? 
metalc5 metalc ? ? A HIS 27 NE2 ? ? ? 1_555 B ZN . ZN ? ? A HIS 27 A ZN 30 1_555 ? ? ? ? ? ? ? 2.252 ? ? 
# 
_struct_conn_type.id          metalc 
_struct_conn_type.criteria    ? 
_struct_conn_type.reference   ? 
# 
loop_
_pdbx_struct_conn_angle.id 
_pdbx_struct_conn_angle.ptnr1_label_atom_id 
_pdbx_struct_conn_angle.ptnr1_label_alt_id 
_pdbx_struct_conn_angle.ptnr1_label_asym_id 
_pdbx_struct_conn_angle.ptnr1_label_comp_id 
_pdbx_struct_conn_angle.ptnr1_label_seq_id 
_pdbx_struct_conn_angle.ptnr1_auth_atom_id 
_pdbx_struct_conn_angle.ptnr1_auth_asym_id 
_pdbx_struct_conn_angle.ptnr1_auth_comp_id 
_pdbx_struct_conn_angle.ptnr1_auth_seq_id 
_pdbx_struct_conn_angle.ptnr1_PDB_ins_code 
_pdbx_struct_conn_angle.ptnr1_symmetry 
_pdbx_struct_conn_angle.ptnr2_label_atom_id 
_pdbx_struct_conn_angle.ptnr2_label_alt_id 
_pdbx_struct_conn_angle.ptnr2_label_asym_id 
_pdbx_struct_conn_angle.ptnr2_label_comp_id 
_pdbx_struct_conn_angle.ptnr2_label_seq_id 
_pdbx_struct_conn_angle.ptnr2_auth_atom_id 
_pdbx_struct_conn_angle.ptnr2_auth_asym_id 
_pdbx_struct_conn_angle.ptnr2_auth_comp_id 
_pdbx_struct_conn_angle.ptnr2_auth_seq_id 
_pdbx_struct_conn_angle.ptnr2_PDB_ins_code 
_pdbx_struct_conn_angle.ptnr2_symmetry 
_pdbx_struct_conn_angle.ptnr3_label_atom_id 
_pdbx_struct_conn_angle.ptnr3_label_alt_id 
_pdbx_struct_conn_angle.ptnr3_label_asym_id 
_pdbx_struct_conn_angle.ptnr3_label_comp_id 
_pdbx_struct_conn_angle.ptnr3_label_seq_id 
_pdbx_struct_conn_angle.ptnr3_auth_atom_id 
_pdbx_struct_conn_angle.ptnr3_auth_asym_id 
_pdbx_struct_conn_angle.ptnr3_auth_comp_id 
_pdbx_struct_conn_angle.ptnr3_auth_seq_id 
_pdbx_struct_conn_angle.ptnr3_PDB_ins_code 
_pdbx_struct_conn_angle.ptnr3_symmetry 
_pdbx_struct_conn_angle.value 
_pdbx_struct_conn_angle.value_esd 
1  SG  ? A CYS 5  ? A CYS 5  ? 1_555 ZN ? B ZN . ? A ZN 30 ? 1_555 O   ? A CYS 5  ? A CYS 5  ? 1_555 77.1  ? 
2  SG  ? A CYS 5  ? A CYS 5  ? 1_555 ZN ? B ZN . ? A ZN 30 ? 1_555 SG  ? A CYS 10 ? A CYS 10 ? 1_555 152.7 ? 
3  O   ? A CYS 5  ? A CYS 5  ? 1_555 ZN ? B ZN . ? A ZN 30 ? 1_555 SG  ? A CYS 10 ? A CYS 10 ? 1_555 79.0  ? 
4  SG  ? A CYS 5  ? A CYS 5  ? 1_555 ZN ? B ZN . ? A ZN 30 ? 1_555 NE2 ? A HIS 23 ? A HIS 23 ? 1_555 92.6  ? 
5  O   ? A CYS 5  ? A CYS 5  ? 1_555 ZN ? B ZN . ? A ZN 30 ? 1_555 NE2 ? A HIS 23 ? A HIS 23 ? 1_555 128.9 ? 
6  SG  ? A CYS 10 ? A CYS 10 ? 1_555 ZN ? B ZN . ? A ZN 30 ? 1_555 NE2 ? A HIS 23 ? A HIS 23 ? 1_555 92.2  ? 
7  SG  ? A CYS 5  ? A CYS 5  ? 1_555 ZN ? B ZN . ? A ZN 30 ? 1_555 NE2 ? A HIS 27 ? A HIS 27 ? 1_555 99.5  ? 
8  O   ? A CYS 5  ? A CYS 5  ? 1_555 ZN ? B ZN . ? A ZN 30 ? 1_555 NE2 ? A HIS 27 ? A HIS 27 ? 1_555 143.9 ? 
9  SG  ? A CYS 10 ? A CYS 10 ? 1_555 ZN ? B ZN . ? A ZN 30 ? 1_555 NE2 ? A HIS 27 ? A HIS 27 ? 1_555 107.6 ? 
10 NE2 ? A HIS 23 ? A HIS 23 ? 1_555 ZN ? B ZN . ? A ZN 30 ? 1_555 NE2 ? A HIS 27 ? A HIS 27 ? 1_555 86.8  ? 
# 
_struct_sheet.id               A 
_struct_sheet.type             ? 
_struct_sheet.number_strands   2 
_struct_sheet.details          ? 
# 
_struct_sheet_order.sheet_id     A 
_struct_sheet_order.range_id_1   1 
_struct_sheet_order.range_id_2   2 
_struct_sheet_order.offset       ? 
_struct_sheet_order.sense        anti-parallel 
# 
loop_
_struct_sheet_range.sheet_id 
_struct_sheet_range.id 
_struct_sheet_range.beg_label_comp_id 
_struct_sheet_range.beg_label_asym_id 
_struct_sheet_range.beg_label_seq_id 
_struct_sheet_range.pdbx_beg_PDB_ins_code 
_struct_sheet_range.end_label_comp_id 
_struct_sheet_range.end_label_asym_id 
_struct_sheet_range.end_label_seq_id 
_struct_sheet_range.pdbx_end_PDB_ins_code 
_struct_sheet_range.beg_auth_comp_id 
_struct_sheet_range.beg_auth_asym_id 
_struct_sheet_range.beg_auth_seq_id 
_struct_sheet_range.end_auth_comp_id 
_struct_sheet_range.end_auth_asym_id 
_struct_sheet_range.end_auth_seq_id 
A 1 TYR A 3  ? CYS A 5  ? TYR A 3  CYS A 5  
A 2 ARG A 12 ? PHE A 14 ? ARG A 12 PHE A 14 
# 
_pdbx_struct_sheet_hbond.sheet_id                A 
_pdbx_struct_sheet_hbond.range_id_1              1 
_pdbx_struct_sheet_hbond.range_id_2              2 
_pdbx_struct_sheet_hbond.range_1_label_atom_id   N 
_pdbx_struct_sheet_hbond.range_1_label_comp_id   CYS 
_pdbx_struct_sheet_hbond.range_1_label_asym_id   A 
_pdbx_struct_sheet_hbond.range_1_label_seq_id    5 
_pdbx_struct_sheet_hbond.range_1_PDB_ins_code    ? 
_pdbx_struct_sheet_hbond.range_1_auth_atom_id    N 
_pdbx_struct_sheet_hbond.range_1_auth_comp_id    CYS 
_pdbx_struct_sheet_hbond.range_1_auth_asym_id    A 
_pdbx_struct_sheet_hbond.range_1_auth_seq_id     5 
_pdbx_struct_sheet_hbond.range_2_label_atom_id   O 
_pdbx_struct_sheet_hbond.range_2_label_comp_id   ARG 
_pdbx_struct_sheet_hbond.range_2_label_asym_id   A 
_pdbx_struct_sheet_hbond.range_2_label_seq_id    12 
_pdbx_struct_sheet_hbond.range_2_PDB_ins_code    ? 
_pdbx_struct_sheet_hbond.range_2_auth_atom_id    O 
_pdbx_struct_sheet_hbond.range_2_auth_comp_id    ARG 
_pdbx_struct_sheet_hbond.range_2_auth_asym_id    A 
_pdbx_struct_sheet_hbond.range_2_auth_seq_id     12 
# 
_struct_site.id                   AC1 
_struct_site.pdbx_evidence_code   Software 
_struct_site.pdbx_auth_asym_id    A 
_struct_site.pdbx_auth_comp_id    ZN 
_struct_site.pdbx_auth_seq_id     30 
_struct_site.pdbx_auth_ins_code   ? 
_struct_site.pdbx_num_residues    4 
_struct_site.details              'BINDING SITE FOR RESIDUE ZN A 30' 
# 
loop_
_struct_site_gen.id 
_struct_site_gen.site_id 
_struct_site_gen.pdbx_num_res 
_struct_site_gen.label_comp_id 
_struct_site_gen.label_asym_id 
_struct_site_gen.label_seq_id 
_struct_site_gen.pdbx_auth_ins_code 
_struct_site_gen.auth_comp_id 
_struct_site_gen.auth_asym_id 
_struct_site_gen.auth_seq_id 
_struct_site_gen.label_atom_id 
_struct_site_gen.label_alt_id 
_struct_site_gen.symmetry 
_struct_site_gen.details 
1 AC1 4 CYS A 5  ? CYS A 5  . ? 1_555 ? 
2 AC1 4 CYS A 10 ? CYS A 10 . ? 1_555 ? 
3 AC1 4 HIS A 23 ? HIS A 23 . ? 1_555 ? 
4 AC1 4 HIS A 27 ? HIS A 27 . ? 1_555 ? 
# 
loop_
_pdbx_validate_torsion.id 
_pdbx_validate_torsion.PDB_model_num 
_pdbx_validate_torsion.auth_comp_id 
_pdbx_validate_torsion.auth_asym_id 
_pdbx_validate_torsion.auth_seq_id 
_pdbx_validate_torsion.PDB_ins_code 
_pdbx_validate_torsion.label_alt_id 
_pdbx_validate_torsion.phi 
_pdbx_validate_torsion.psi 
1 1 PHE A 7 ? ? -56.58  173.06 
2 1 GLU A 8 ? ? -63.35  11.05  
3 1 ASN A 9 ? ? -162.61 -32.76 
# 
_pdbx_database_remark.id     999 
_pdbx_database_remark.text   
; SEQUENCE 
THE SEQUENCE HAS NOT BEEN DEPOSITED IN ANY DATABASE
;
# 
_pdbx_nmr_ensemble.entry_id                                      2AB7 
_pdbx_nmr_ensemble.conformers_calculated_total_number            1 
_pdbx_nmr_ensemble.conformers_submitted_total_number             1 
_pdbx_nmr_ensemble.conformer_selection_criteria                  'structures with the least restraint violations' 
_pdbx_nmr_ensemble.average_constraints_per_residue               ? 
_pdbx_nmr_ensemble.average_constraint_violations_per_residue     ? 
_pdbx_nmr_ensemble.maximum_distance_constraint_violation         ? 
_pdbx_nmr_ensemble.average_distance_constraint_violation         ? 
_pdbx_nmr_ensemble.maximum_upper_distance_constraint_violation   ? 
_pdbx_nmr_ensemble.maximum_lower_distance_constraint_violation   ? 
_pdbx_nmr_ensemble.distance_constraint_violation_method          ? 
_pdbx_nmr_ensemble.maximum_torsion_angle_constraint_violation    ? 
_pdbx_nmr_ensemble.average_torsion_angle_constraint_violation    ? 
_pdbx_nmr_ensemble.torsion_angle_constraint_violation_method     ? 
# 
_pdbx_nmr_representative.entry_id             2AB7 
_pdbx_nmr_representative.conformer_id         1 
_pdbx_nmr_representative.selection_criteria   'fewest violations' 
# 
loop_
_pdbx_nmr_sample_details.solution_id 
_pdbx_nmr_sample_details.contents 
_pdbx_nmr_sample_details.solvent_system 
1 
'1.2 mM ZNF29G29R; 10 mM phosphate buffer pH 6.8, 2mM Mercaptoethanol, 200 uM Sodium Azide, 50 uM Zinc Sulfate, 90% H2O, 10% D2O' 
'90% H2O/10% D2O' 
2 
;1.2 mM ZNF29G29R; 10 mM phosphate buffer pH *6.4, 2mM Mercaptoethanol, 200 uM Sodium Azide, 50 uM Zinc Sulfate,"100%" D2O
;
'100% D2O'        
3 
'1.2 mM ZNF29G29R 15N; 10 mM phosphate buffer pH 6.8, 2mM Mercaptoethanol, 200 uM Sodium Azide, 50 uM Zinc Sulfate, 90% H2O, 10% D2O' 
'90% H2O/10% D2O' 
# 
_pdbx_nmr_exptl_sample_conditions.conditions_id       1 
_pdbx_nmr_exptl_sample_conditions.temperature         298 
_pdbx_nmr_exptl_sample_conditions.pressure            ambient 
_pdbx_nmr_exptl_sample_conditions.pH                  6.8 
_pdbx_nmr_exptl_sample_conditions.ionic_strength      '~ 35 mM' 
_pdbx_nmr_exptl_sample_conditions.pressure_units      . 
_pdbx_nmr_exptl_sample_conditions.temperature_units   K 
# 
loop_
_pdbx_nmr_exptl.experiment_id 
_pdbx_nmr_exptl.conditions_id 
_pdbx_nmr_exptl.type 
_pdbx_nmr_exptl.solution_id 
1 1 '2D NOESY'   1 
2 1 '2D TOCSY'   1 
3 1 DQF-COSY     1 
4 1 E-COSY       1 
5 1 '13 C  HSQC' 2 
6 1 '15 N HSQC'  3 
7 1 'HMQC NOESY' 3 
8 1 'HMQC TOCSY' 3 
# 
_pdbx_nmr_details.entry_id   2AB7 
_pdbx_nmr_details.text       '13 C HSQC done at natural abundance' 
# 
_pdbx_nmr_refine.entry_id           2AB7 
_pdbx_nmr_refine.method             
;simulated annealing,    
torsion angle dynamics,   
molecular dynamics
;
_pdbx_nmr_refine.details            
;The structure is based on a total of 242 restraints, 177 are 
NOE-derived distance restraints, 41 dihedral angle restraints, 16 
distance restraints from hydrogen bonds, 8 distance constraints from 
coordinated Zinc ion.
;
_pdbx_nmr_refine.software_ordinal   1 
# 
loop_
_pdbx_nmr_software.classification 
_pdbx_nmr_software.name 
_pdbx_nmr_software.version 
_pdbx_nmr_software.authors 
_pdbx_nmr_software.ordinal 
collection      XwinNMR 2.5 'Bruker Analytik GmbH' 1 
'data analysis' Sparky  3   'Goddard, T.D.'        2 
refinement      DYANA   1.5 'Guentert, P.'         3 
refinement      Amber   7   'Case et al'           4 
# 
loop_
_chem_comp_atom.comp_id 
_chem_comp_atom.atom_id 
_chem_comp_atom.type_symbol 
_chem_comp_atom.pdbx_aromatic_flag 
_chem_comp_atom.pdbx_stereo_config 
_chem_comp_atom.pdbx_ordinal 
ARG N    N  N N 1   
ARG CA   C  N S 2   
ARG C    C  N N 3   
ARG O    O  N N 4   
ARG CB   C  N N 5   
ARG CG   C  N N 6   
ARG CD   C  N N 7   
ARG NE   N  N N 8   
ARG CZ   C  N N 9   
ARG NH1  N  N N 10  
ARG NH2  N  N N 11  
ARG OXT  O  N N 12  
ARG H    H  N N 13  
ARG H2   H  N N 14  
ARG HA   H  N N 15  
ARG HB2  H  N N 16  
ARG HB3  H  N N 17  
ARG HG2  H  N N 18  
ARG HG3  H  N N 19  
ARG HD2  H  N N 20  
ARG HD3  H  N N 21  
ARG HE   H  N N 22  
ARG HH11 H  N N 23  
ARG HH12 H  N N 24  
ARG HH21 H  N N 25  
ARG HH22 H  N N 26  
ARG HXT  H  N N 27  
ASN N    N  N N 28  
ASN CA   C  N S 29  
ASN C    C  N N 30  
ASN O    O  N N 31  
ASN CB   C  N N 32  
ASN CG   C  N N 33  
ASN OD1  O  N N 34  
ASN ND2  N  N N 35  
ASN OXT  O  N N 36  
ASN H    H  N N 37  
ASN H2   H  N N 38  
ASN HA   H  N N 39  
ASN HB2  H  N N 40  
ASN HB3  H  N N 41  
ASN HD21 H  N N 42  
ASN HD22 H  N N 43  
ASN HXT  H  N N 44  
ASP N    N  N N 45  
ASP CA   C  N S 46  
ASP C    C  N N 47  
ASP O    O  N N 48  
ASP CB   C  N N 49  
ASP CG   C  N N 50  
ASP OD1  O  N N 51  
ASP OD2  O  N N 52  
ASP OXT  O  N N 53  
ASP H    H  N N 54  
ASP H2   H  N N 55  
ASP HA   H  N N 56  
ASP HB2  H  N N 57  
ASP HB3  H  N N 58  
ASP HD2  H  N N 59  
ASP HXT  H  N N 60  
CYS N    N  N N 61  
CYS CA   C  N R 62  
CYS C    C  N N 63  
CYS O    O  N N 64  
CYS CB   C  N N 65  
CYS SG   S  N N 66  
CYS OXT  O  N N 67  
CYS H    H  N N 68  
CYS H2   H  N N 69  
CYS HA   H  N N 70  
CYS HB2  H  N N 71  
CYS HB3  H  N N 72  
CYS HG   H  N N 73  
CYS HXT  H  N N 74  
GLU N    N  N N 75  
GLU CA   C  N S 76  
GLU C    C  N N 77  
GLU O    O  N N 78  
GLU CB   C  N N 79  
GLU CG   C  N N 80  
GLU CD   C  N N 81  
GLU OE1  O  N N 82  
GLU OE2  O  N N 83  
GLU OXT  O  N N 84  
GLU H    H  N N 85  
GLU H2   H  N N 86  
GLU HA   H  N N 87  
GLU HB2  H  N N 88  
GLU HB3  H  N N 89  
GLU HG2  H  N N 90  
GLU HG3  H  N N 91  
GLU HE2  H  N N 92  
GLU HXT  H  N N 93  
GLY N    N  N N 94  
GLY CA   C  N N 95  
GLY C    C  N N 96  
GLY O    O  N N 97  
GLY OXT  O  N N 98  
GLY H    H  N N 99  
GLY H2   H  N N 100 
GLY HA2  H  N N 101 
GLY HA3  H  N N 102 
GLY HXT  H  N N 103 
HIS N    N  N N 104 
HIS CA   C  N S 105 
HIS C    C  N N 106 
HIS O    O  N N 107 
HIS CB   C  N N 108 
HIS CG   C  Y N 109 
HIS ND1  N  Y N 110 
HIS CD2  C  Y N 111 
HIS CE1  C  Y N 112 
HIS NE2  N  Y N 113 
HIS OXT  O  N N 114 
HIS H    H  N N 115 
HIS H2   H  N N 116 
HIS HA   H  N N 117 
HIS HB2  H  N N 118 
HIS HB3  H  N N 119 
HIS HD1  H  N N 120 
HIS HD2  H  N N 121 
HIS HE1  H  N N 122 
HIS HE2  H  N N 123 
HIS HXT  H  N N 124 
ILE N    N  N N 125 
ILE CA   C  N S 126 
ILE C    C  N N 127 
ILE O    O  N N 128 
ILE CB   C  N S 129 
ILE CG1  C  N N 130 
ILE CG2  C  N N 131 
ILE CD1  C  N N 132 
ILE OXT  O  N N 133 
ILE H    H  N N 134 
ILE H2   H  N N 135 
ILE HA   H  N N 136 
ILE HB   H  N N 137 
ILE HG12 H  N N 138 
ILE HG13 H  N N 139 
ILE HG21 H  N N 140 
ILE HG22 H  N N 141 
ILE HG23 H  N N 142 
ILE HD11 H  N N 143 
ILE HD12 H  N N 144 
ILE HD13 H  N N 145 
ILE HXT  H  N N 146 
LEU N    N  N N 147 
LEU CA   C  N S 148 
LEU C    C  N N 149 
LEU O    O  N N 150 
LEU CB   C  N N 151 
LEU CG   C  N N 152 
LEU CD1  C  N N 153 
LEU CD2  C  N N 154 
LEU OXT  O  N N 155 
LEU H    H  N N 156 
LEU H2   H  N N 157 
LEU HA   H  N N 158 
LEU HB2  H  N N 159 
LEU HB3  H  N N 160 
LEU HG   H  N N 161 
LEU HD11 H  N N 162 
LEU HD12 H  N N 163 
LEU HD13 H  N N 164 
LEU HD21 H  N N 165 
LEU HD22 H  N N 166 
LEU HD23 H  N N 167 
LEU HXT  H  N N 168 
LYS N    N  N N 169 
LYS CA   C  N S 170 
LYS C    C  N N 171 
LYS O    O  N N 172 
LYS CB   C  N N 173 
LYS CG   C  N N 174 
LYS CD   C  N N 175 
LYS CE   C  N N 176 
LYS NZ   N  N N 177 
LYS OXT  O  N N 178 
LYS H    H  N N 179 
LYS H2   H  N N 180 
LYS HA   H  N N 181 
LYS HB2  H  N N 182 
LYS HB3  H  N N 183 
LYS HG2  H  N N 184 
LYS HG3  H  N N 185 
LYS HD2  H  N N 186 
LYS HD3  H  N N 187 
LYS HE2  H  N N 188 
LYS HE3  H  N N 189 
LYS HZ1  H  N N 190 
LYS HZ2  H  N N 191 
LYS HZ3  H  N N 192 
LYS HXT  H  N N 193 
MET N    N  N N 194 
MET CA   C  N S 195 
MET C    C  N N 196 
MET O    O  N N 197 
MET CB   C  N N 198 
MET CG   C  N N 199 
MET SD   S  N N 200 
MET CE   C  N N 201 
MET OXT  O  N N 202 
MET H    H  N N 203 
MET H2   H  N N 204 
MET HA   H  N N 205 
MET HB2  H  N N 206 
MET HB3  H  N N 207 
MET HG2  H  N N 208 
MET HG3  H  N N 209 
MET HE1  H  N N 210 
MET HE2  H  N N 211 
MET HE3  H  N N 212 
MET HXT  H  N N 213 
PHE N    N  N N 214 
PHE CA   C  N S 215 
PHE C    C  N N 216 
PHE O    O  N N 217 
PHE CB   C  N N 218 
PHE CG   C  Y N 219 
PHE CD1  C  Y N 220 
PHE CD2  C  Y N 221 
PHE CE1  C  Y N 222 
PHE CE2  C  Y N 223 
PHE CZ   C  Y N 224 
PHE OXT  O  N N 225 
PHE H    H  N N 226 
PHE H2   H  N N 227 
PHE HA   H  N N 228 
PHE HB2  H  N N 229 
PHE HB3  H  N N 230 
PHE HD1  H  N N 231 
PHE HD2  H  N N 232 
PHE HE1  H  N N 233 
PHE HE2  H  N N 234 
PHE HZ   H  N N 235 
PHE HXT  H  N N 236 
SER N    N  N N 237 
SER CA   C  N S 238 
SER C    C  N N 239 
SER O    O  N N 240 
SER CB   C  N N 241 
SER OG   O  N N 242 
SER OXT  O  N N 243 
SER H    H  N N 244 
SER H2   H  N N 245 
SER HA   H  N N 246 
SER HB2  H  N N 247 
SER HB3  H  N N 248 
SER HG   H  N N 249 
SER HXT  H  N N 250 
THR N    N  N N 251 
THR CA   C  N S 252 
THR C    C  N N 253 
THR O    O  N N 254 
THR CB   C  N R 255 
THR OG1  O  N N 256 
THR CG2  C  N N 257 
THR OXT  O  N N 258 
THR H    H  N N 259 
THR H2   H  N N 260 
THR HA   H  N N 261 
THR HB   H  N N 262 
THR HG1  H  N N 263 
THR HG21 H  N N 264 
THR HG22 H  N N 265 
THR HG23 H  N N 266 
THR HXT  H  N N 267 
TYR N    N  N N 268 
TYR CA   C  N S 269 
TYR C    C  N N 270 
TYR O    O  N N 271 
TYR CB   C  N N 272 
TYR CG   C  Y N 273 
TYR CD1  C  Y N 274 
TYR CD2  C  Y N 275 
TYR CE1  C  Y N 276 
TYR CE2  C  Y N 277 
TYR CZ   C  Y N 278 
TYR OH   O  N N 279 
TYR OXT  O  N N 280 
TYR H    H  N N 281 
TYR H2   H  N N 282 
TYR HA   H  N N 283 
TYR HB2  H  N N 284 
TYR HB3  H  N N 285 
TYR HD1  H  N N 286 
TYR HD2  H  N N 287 
TYR HE1  H  N N 288 
TYR HE2  H  N N 289 
TYR HH   H  N N 290 
TYR HXT  H  N N 291 
VAL N    N  N N 292 
VAL CA   C  N S 293 
VAL C    C  N N 294 
VAL O    O  N N 295 
VAL CB   C  N N 296 
VAL CG1  C  N N 297 
VAL CG2  C  N N 298 
VAL OXT  O  N N 299 
VAL H    H  N N 300 
VAL H2   H  N N 301 
VAL HA   H  N N 302 
VAL HB   H  N N 303 
VAL HG11 H  N N 304 
VAL HG12 H  N N 305 
VAL HG13 H  N N 306 
VAL HG21 H  N N 307 
VAL HG22 H  N N 308 
VAL HG23 H  N N 309 
VAL HXT  H  N N 310 
ZN  ZN   ZN N N 311 
# 
loop_
_chem_comp_bond.comp_id 
_chem_comp_bond.atom_id_1 
_chem_comp_bond.atom_id_2 
_chem_comp_bond.value_order 
_chem_comp_bond.pdbx_aromatic_flag 
_chem_comp_bond.pdbx_stereo_config 
_chem_comp_bond.pdbx_ordinal 
ARG N   CA   sing N N 1   
ARG N   H    sing N N 2   
ARG N   H2   sing N N 3   
ARG CA  C    sing N N 4   
ARG CA  CB   sing N N 5   
ARG CA  HA   sing N N 6   
ARG C   O    doub N N 7   
ARG C   OXT  sing N N 8   
ARG CB  CG   sing N N 9   
ARG CB  HB2  sing N N 10  
ARG CB  HB3  sing N N 11  
ARG CG  CD   sing N N 12  
ARG CG  HG2  sing N N 13  
ARG CG  HG3  sing N N 14  
ARG CD  NE   sing N N 15  
ARG CD  HD2  sing N N 16  
ARG CD  HD3  sing N N 17  
ARG NE  CZ   sing N N 18  
ARG NE  HE   sing N N 19  
ARG CZ  NH1  sing N N 20  
ARG CZ  NH2  doub N N 21  
ARG NH1 HH11 sing N N 22  
ARG NH1 HH12 sing N N 23  
ARG NH2 HH21 sing N N 24  
ARG NH2 HH22 sing N N 25  
ARG OXT HXT  sing N N 26  
ASN N   CA   sing N N 27  
ASN N   H    sing N N 28  
ASN N   H2   sing N N 29  
ASN CA  C    sing N N 30  
ASN CA  CB   sing N N 31  
ASN CA  HA   sing N N 32  
ASN C   O    doub N N 33  
ASN C   OXT  sing N N 34  
ASN CB  CG   sing N N 35  
ASN CB  HB2  sing N N 36  
ASN CB  HB3  sing N N 37  
ASN CG  OD1  doub N N 38  
ASN CG  ND2  sing N N 39  
ASN ND2 HD21 sing N N 40  
ASN ND2 HD22 sing N N 41  
ASN OXT HXT  sing N N 42  
ASP N   CA   sing N N 43  
ASP N   H    sing N N 44  
ASP N   H2   sing N N 45  
ASP CA  C    sing N N 46  
ASP CA  CB   sing N N 47  
ASP CA  HA   sing N N 48  
ASP C   O    doub N N 49  
ASP C   OXT  sing N N 50  
ASP CB  CG   sing N N 51  
ASP CB  HB2  sing N N 52  
ASP CB  HB3  sing N N 53  
ASP CG  OD1  doub N N 54  
ASP CG  OD2  sing N N 55  
ASP OD2 HD2  sing N N 56  
ASP OXT HXT  sing N N 57  
CYS N   CA   sing N N 58  
CYS N   H    sing N N 59  
CYS N   H2   sing N N 60  
CYS CA  C    sing N N 61  
CYS CA  CB   sing N N 62  
CYS CA  HA   sing N N 63  
CYS C   O    doub N N 64  
CYS C   OXT  sing N N 65  
CYS CB  SG   sing N N 66  
CYS CB  HB2  sing N N 67  
CYS CB  HB3  sing N N 68  
CYS SG  HG   sing N N 69  
CYS OXT HXT  sing N N 70  
GLU N   CA   sing N N 71  
GLU N   H    sing N N 72  
GLU N   H2   sing N N 73  
GLU CA  C    sing N N 74  
GLU CA  CB   sing N N 75  
GLU CA  HA   sing N N 76  
GLU C   O    doub N N 77  
GLU C   OXT  sing N N 78  
GLU CB  CG   sing N N 79  
GLU CB  HB2  sing N N 80  
GLU CB  HB3  sing N N 81  
GLU CG  CD   sing N N 82  
GLU CG  HG2  sing N N 83  
GLU CG  HG3  sing N N 84  
GLU CD  OE1  doub N N 85  
GLU CD  OE2  sing N N 86  
GLU OE2 HE2  sing N N 87  
GLU OXT HXT  sing N N 88  
GLY N   CA   sing N N 89  
GLY N   H    sing N N 90  
GLY N   H2   sing N N 91  
GLY CA  C    sing N N 92  
GLY CA  HA2  sing N N 93  
GLY CA  HA3  sing N N 94  
GLY C   O    doub N N 95  
GLY C   OXT  sing N N 96  
GLY OXT HXT  sing N N 97  
HIS N   CA   sing N N 98  
HIS N   H    sing N N 99  
HIS N   H2   sing N N 100 
HIS CA  C    sing N N 101 
HIS CA  CB   sing N N 102 
HIS CA  HA   sing N N 103 
HIS C   O    doub N N 104 
HIS C   OXT  sing N N 105 
HIS CB  CG   sing N N 106 
HIS CB  HB2  sing N N 107 
HIS CB  HB3  sing N N 108 
HIS CG  ND1  sing Y N 109 
HIS CG  CD2  doub Y N 110 
HIS ND1 CE1  doub Y N 111 
HIS ND1 HD1  sing N N 112 
HIS CD2 NE2  sing Y N 113 
HIS CD2 HD2  sing N N 114 
HIS CE1 NE2  sing Y N 115 
HIS CE1 HE1  sing N N 116 
HIS NE2 HE2  sing N N 117 
HIS OXT HXT  sing N N 118 
ILE N   CA   sing N N 119 
ILE N   H    sing N N 120 
ILE N   H2   sing N N 121 
ILE CA  C    sing N N 122 
ILE CA  CB   sing N N 123 
ILE CA  HA   sing N N 124 
ILE C   O    doub N N 125 
ILE C   OXT  sing N N 126 
ILE CB  CG1  sing N N 127 
ILE CB  CG2  sing N N 128 
ILE CB  HB   sing N N 129 
ILE CG1 CD1  sing N N 130 
ILE CG1 HG12 sing N N 131 
ILE CG1 HG13 sing N N 132 
ILE CG2 HG21 sing N N 133 
ILE CG2 HG22 sing N N 134 
ILE CG2 HG23 sing N N 135 
ILE CD1 HD11 sing N N 136 
ILE CD1 HD12 sing N N 137 
ILE CD1 HD13 sing N N 138 
ILE OXT HXT  sing N N 139 
LEU N   CA   sing N N 140 
LEU N   H    sing N N 141 
LEU N   H2   sing N N 142 
LEU CA  C    sing N N 143 
LEU CA  CB   sing N N 144 
LEU CA  HA   sing N N 145 
LEU C   O    doub N N 146 
LEU C   OXT  sing N N 147 
LEU CB  CG   sing N N 148 
LEU CB  HB2  sing N N 149 
LEU CB  HB3  sing N N 150 
LEU CG  CD1  sing N N 151 
LEU CG  CD2  sing N N 152 
LEU CG  HG   sing N N 153 
LEU CD1 HD11 sing N N 154 
LEU CD1 HD12 sing N N 155 
LEU CD1 HD13 sing N N 156 
LEU CD2 HD21 sing N N 157 
LEU CD2 HD22 sing N N 158 
LEU CD2 HD23 sing N N 159 
LEU OXT HXT  sing N N 160 
LYS N   CA   sing N N 161 
LYS N   H    sing N N 162 
LYS N   H2   sing N N 163 
LYS CA  C    sing N N 164 
LYS CA  CB   sing N N 165 
LYS CA  HA   sing N N 166 
LYS C   O    doub N N 167 
LYS C   OXT  sing N N 168 
LYS CB  CG   sing N N 169 
LYS CB  HB2  sing N N 170 
LYS CB  HB3  sing N N 171 
LYS CG  CD   sing N N 172 
LYS CG  HG2  sing N N 173 
LYS CG  HG3  sing N N 174 
LYS CD  CE   sing N N 175 
LYS CD  HD2  sing N N 176 
LYS CD  HD3  sing N N 177 
LYS CE  NZ   sing N N 178 
LYS CE  HE2  sing N N 179 
LYS CE  HE3  sing N N 180 
LYS NZ  HZ1  sing N N 181 
LYS NZ  HZ2  sing N N 182 
LYS NZ  HZ3  sing N N 183 
LYS OXT HXT  sing N N 184 
MET N   CA   sing N N 185 
MET N   H    sing N N 186 
MET N   H2   sing N N 187 
MET CA  C    sing N N 188 
MET CA  CB   sing N N 189 
MET CA  HA   sing N N 190 
MET C   O    doub N N 191 
MET C   OXT  sing N N 192 
MET CB  CG   sing N N 193 
MET CB  HB2  sing N N 194 
MET CB  HB3  sing N N 195 
MET CG  SD   sing N N 196 
MET CG  HG2  sing N N 197 
MET CG  HG3  sing N N 198 
MET SD  CE   sing N N 199 
MET CE  HE1  sing N N 200 
MET CE  HE2  sing N N 201 
MET CE  HE3  sing N N 202 
MET OXT HXT  sing N N 203 
PHE N   CA   sing N N 204 
PHE N   H    sing N N 205 
PHE N   H2   sing N N 206 
PHE CA  C    sing N N 207 
PHE CA  CB   sing N N 208 
PHE CA  HA   sing N N 209 
PHE C   O    doub N N 210 
PHE C   OXT  sing N N 211 
PHE CB  CG   sing N N 212 
PHE CB  HB2  sing N N 213 
PHE CB  HB3  sing N N 214 
PHE CG  CD1  doub Y N 215 
PHE CG  CD2  sing Y N 216 
PHE CD1 CE1  sing Y N 217 
PHE CD1 HD1  sing N N 218 
PHE CD2 CE2  doub Y N 219 
PHE CD2 HD2  sing N N 220 
PHE CE1 CZ   doub Y N 221 
PHE CE1 HE1  sing N N 222 
PHE CE2 CZ   sing Y N 223 
PHE CE2 HE2  sing N N 224 
PHE CZ  HZ   sing N N 225 
PHE OXT HXT  sing N N 226 
SER N   CA   sing N N 227 
SER N   H    sing N N 228 
SER N   H2   sing N N 229 
SER CA  C    sing N N 230 
SER CA  CB   sing N N 231 
SER CA  HA   sing N N 232 
SER C   O    doub N N 233 
SER C   OXT  sing N N 234 
SER CB  OG   sing N N 235 
SER CB  HB2  sing N N 236 
SER CB  HB3  sing N N 237 
SER OG  HG   sing N N 238 
SER OXT HXT  sing N N 239 
THR N   CA   sing N N 240 
THR N   H    sing N N 241 
THR N   H2   sing N N 242 
THR CA  C    sing N N 243 
THR CA  CB   sing N N 244 
THR CA  HA   sing N N 245 
THR C   O    doub N N 246 
THR C   OXT  sing N N 247 
THR CB  OG1  sing N N 248 
THR CB  CG2  sing N N 249 
THR CB  HB   sing N N 250 
THR OG1 HG1  sing N N 251 
THR CG2 HG21 sing N N 252 
THR CG2 HG22 sing N N 253 
THR CG2 HG23 sing N N 254 
THR OXT HXT  sing N N 255 
TYR N   CA   sing N N 256 
TYR N   H    sing N N 257 
TYR N   H2   sing N N 258 
TYR CA  C    sing N N 259 
TYR CA  CB   sing N N 260 
TYR CA  HA   sing N N 261 
TYR C   O    doub N N 262 
TYR C   OXT  sing N N 263 
TYR CB  CG   sing N N 264 
TYR CB  HB2  sing N N 265 
TYR CB  HB3  sing N N 266 
TYR CG  CD1  doub Y N 267 
TYR CG  CD2  sing Y N 268 
TYR CD1 CE1  sing Y N 269 
TYR CD1 HD1  sing N N 270 
TYR CD2 CE2  doub Y N 271 
TYR CD2 HD2  sing N N 272 
TYR CE1 CZ   doub Y N 273 
TYR CE1 HE1  sing N N 274 
TYR CE2 CZ   sing Y N 275 
TYR CE2 HE2  sing N N 276 
TYR CZ  OH   sing N N 277 
TYR OH  HH   sing N N 278 
TYR OXT HXT  sing N N 279 
VAL N   CA   sing N N 280 
VAL N   H    sing N N 281 
VAL N   H2   sing N N 282 
VAL CA  C    sing N N 283 
VAL CA  CB   sing N N 284 
VAL CA  HA   sing N N 285 
VAL C   O    doub N N 286 
VAL C   OXT  sing N N 287 
VAL CB  CG1  sing N N 288 
VAL CB  CG2  sing N N 289 
VAL CB  HB   sing N N 290 
VAL CG1 HG11 sing N N 291 
VAL CG1 HG12 sing N N 292 
VAL CG1 HG13 sing N N 293 
VAL CG2 HG21 sing N N 294 
VAL CG2 HG22 sing N N 295 
VAL CG2 HG23 sing N N 296 
VAL OXT HXT  sing N N 297 
# 
_pdbx_nmr_spectrometer.spectrometer_id   1 
_pdbx_nmr_spectrometer.model             AMX 
_pdbx_nmr_spectrometer.manufacturer      Bruker 
_pdbx_nmr_spectrometer.field_strength    600 
_pdbx_nmr_spectrometer.type              ? 
# 
_atom_sites.entry_id                    2AB7 
_atom_sites.fract_transf_matrix[1][1]   1.000000 
_atom_sites.fract_transf_matrix[1][2]   0.000000 
_atom_sites.fract_transf_matrix[1][3]   0.000000 
_atom_sites.fract_transf_matrix[2][1]   0.000000 
_atom_sites.fract_transf_matrix[2][2]   1.000000 
_atom_sites.fract_transf_matrix[2][3]   0.000000 
_atom_sites.fract_transf_matrix[3][1]   0.000000 
_atom_sites.fract_transf_matrix[3][2]   0.000000 
_atom_sites.fract_transf_matrix[3][3]   1.000000 
_atom_sites.fract_transf_vector[1]      0.00000 
_atom_sites.fract_transf_vector[2]      0.00000 
_atom_sites.fract_transf_vector[3]      0.00000 
# 
loop_
_atom_type.symbol 
C  
H  
N  
O  
S  
ZN 
# 
loop_
_atom_site.group_PDB 
_atom_site.id 
_atom_site.type_symbol 
_atom_site.label_atom_id 
_atom_site.label_alt_id 
_atom_site.label_comp_id 
_atom_site.label_asym_id 
_atom_site.label_entity_id 
_atom_site.label_seq_id 
_atom_site.pdbx_PDB_ins_code 
_atom_site.Cartn_x 
_atom_site.Cartn_y 
_atom_site.Cartn_z 
_atom_site.occupancy 
_atom_site.B_iso_or_equiv 
_atom_site.pdbx_formal_charge 
_atom_site.auth_seq_id 
_atom_site.auth_comp_id 
_atom_site.auth_asym_id 
_atom_site.auth_atom_id 
_atom_site.pdbx_PDB_model_num 
ATOM   1   N  N    . MET A 1 1  ? 10.798  6.346   -3.207 1.00 10.00 ? 1  MET A N    1 
ATOM   2   C  CA   . MET A 1 1  ? 10.416  6.725   -4.585 1.00 10.00 ? 1  MET A CA   1 
ATOM   3   C  C    . MET A 1 1  ? 9.005   6.239   -4.884 1.00 10.00 ? 1  MET A C    1 
ATOM   4   O  O    . MET A 1 1  ? 8.080   7.005   -4.674 1.00 10.00 ? 1  MET A O    1 
ATOM   5   C  CB   . MET A 1 1  ? 11.431  6.249   -5.637 1.00 10.00 ? 1  MET A CB   1 
ATOM   6   C  CG   . MET A 1 1  ? 12.682  7.130   -5.654 1.00 10.00 ? 1  MET A CG   1 
ATOM   7   S  SD   . MET A 1 1  ? 13.873  6.639   -6.924 1.00 10.00 ? 1  MET A SD   1 
ATOM   8   C  CE   . MET A 1 1  ? 14.982  8.071   -6.883 1.00 10.00 ? 1  MET A CE   1 
ATOM   9   H  H1   . MET A 1 1  ? 10.119  6.704   -2.546 1.00 10.00 ? 1  MET A H1   1 
ATOM   10  H  H2   . MET A 1 1  ? 11.707  6.722   -2.978 1.00 10.00 ? 1  MET A H2   1 
ATOM   11  H  H3   . MET A 1 1  ? 10.821  5.340   -3.113 1.00 10.00 ? 1  MET A H3   1 
ATOM   12  H  HA   . MET A 1 1  ? 10.364  7.813   -4.644 1.00 10.00 ? 1  MET A HA   1 
ATOM   13  H  HB2  . MET A 1 1  ? 11.713  5.212   -5.444 1.00 10.00 ? 1  MET A HB2  1 
ATOM   14  H  HB3  . MET A 1 1  ? 10.972  6.306   -6.625 1.00 10.00 ? 1  MET A HB3  1 
ATOM   15  H  HG2  . MET A 1 1  ? 12.376  8.160   -5.847 1.00 10.00 ? 1  MET A HG2  1 
ATOM   16  H  HG3  . MET A 1 1  ? 13.172  7.090   -4.680 1.00 10.00 ? 1  MET A HG3  1 
ATOM   17  H  HE1  . MET A 1 1  ? 15.413  8.175   -5.887 1.00 10.00 ? 1  MET A HE1  1 
ATOM   18  H  HE2  . MET A 1 1  ? 15.781  7.929   -7.610 1.00 10.00 ? 1  MET A HE2  1 
ATOM   19  H  HE3  . MET A 1 1  ? 14.424  8.973   -7.136 1.00 10.00 ? 1  MET A HE3  1 
ATOM   20  N  N    . VAL A 1 2  ? 8.834   4.977   -5.293 1.00 10.00 ? 2  VAL A N    1 
ATOM   21  C  CA   . VAL A 1 2  ? 7.531   4.389   -5.621 1.00 10.00 ? 2  VAL A CA   1 
ATOM   22  C  C    . VAL A 1 2  ? 7.353   3.089   -4.839 1.00 10.00 ? 2  VAL A C    1 
ATOM   23  O  O    . VAL A 1 2  ? 8.328   2.390   -4.557 1.00 10.00 ? 2  VAL A O    1 
ATOM   24  C  CB   . VAL A 1 2  ? 7.392   4.204   -7.150 1.00 10.00 ? 2  VAL A CB   1 
ATOM   25  C  CG1  . VAL A 1 2  ? 8.323   3.122   -7.718 1.00 10.00 ? 2  VAL A CG1  1 
ATOM   26  C  CG2  . VAL A 1 2  ? 5.952   3.890   -7.575 1.00 10.00 ? 2  VAL A CG2  1 
ATOM   27  H  H    . VAL A 1 2  ? 9.627   4.359   -5.391 1.00 10.00 ? 2  VAL A H    1 
ATOM   28  H  HA   . VAL A 1 2  ? 6.750   5.079   -5.305 1.00 10.00 ? 2  VAL A HA   1 
ATOM   29  H  HB   . VAL A 1 2  ? 7.662   5.150   -7.621 1.00 10.00 ? 2  VAL A HB   1 
ATOM   30  H  HG11 . VAL A 1 2  ? 8.047   2.140   -7.332 1.00 10.00 ? 2  VAL A HG11 1 
ATOM   31  H  HG12 . VAL A 1 2  ? 8.243   3.106   -8.805 1.00 10.00 ? 2  VAL A HG12 1 
ATOM   32  H  HG13 . VAL A 1 2  ? 9.357   3.334   -7.450 1.00 10.00 ? 2  VAL A HG13 1 
ATOM   33  H  HG21 . VAL A 1 2  ? 5.285   4.683   -7.235 1.00 10.00 ? 2  VAL A HG21 1 
ATOM   34  H  HG22 . VAL A 1 2  ? 5.894   3.841   -8.662 1.00 10.00 ? 2  VAL A HG22 1 
ATOM   35  H  HG23 . VAL A 1 2  ? 5.621   2.937   -7.165 1.00 10.00 ? 2  VAL A HG23 1 
ATOM   36  N  N    . TYR A 1 3  ? 6.109   2.786   -4.473 1.00 10.00 ? 3  TYR A N    1 
ATOM   37  C  CA   . TYR A 1 3  ? 5.745   1.669   -3.605 1.00 10.00 ? 3  TYR A CA   1 
ATOM   38  C  C    . TYR A 1 3  ? 4.446   1.067   -4.137 1.00 10.00 ? 3  TYR A C    1 
ATOM   39  O  O    . TYR A 1 3  ? 3.484   1.801   -4.350 1.00 10.00 ? 3  TYR A O    1 
ATOM   40  C  CB   . TYR A 1 3  ? 5.559   2.172   -2.159 1.00 10.00 ? 3  TYR A CB   1 
ATOM   41  C  CG   . TYR A 1 3  ? 6.698   3.028   -1.628 1.00 10.00 ? 3  TYR A CG   1 
ATOM   42  C  CD1  . TYR A 1 3  ? 6.705   4.415   -1.884 1.00 10.00 ? 3  TYR A CD1  1 
ATOM   43  C  CD2  . TYR A 1 3  ? 7.775   2.433   -0.945 1.00 10.00 ? 3  TYR A CD2  1 
ATOM   44  C  CE1  . TYR A 1 3  ? 7.811   5.197   -1.509 1.00 10.00 ? 3  TYR A CE1  1 
ATOM   45  C  CE2  . TYR A 1 3  ? 8.875   3.215   -0.544 1.00 10.00 ? 3  TYR A CE2  1 
ATOM   46  C  CZ   . TYR A 1 3  ? 8.899   4.597   -0.841 1.00 10.00 ? 3  TYR A CZ   1 
ATOM   47  O  OH   . TYR A 1 3  ? 9.981   5.354   -0.512 1.00 10.00 ? 3  TYR A OH   1 
ATOM   48  H  H    . TYR A 1 3  ? 5.364   3.439   -4.721 1.00 10.00 ? 3  TYR A H    1 
ATOM   49  H  HA   . TYR A 1 3  ? 6.532   0.914   -3.621 1.00 10.00 ? 3  TYR A HA   1 
ATOM   50  H  HB2  . TYR A 1 3  ? 4.642   2.756   -2.097 1.00 10.00 ? 3  TYR A HB2  1 
ATOM   51  H  HB3  . TYR A 1 3  ? 5.434   1.306   -1.513 1.00 10.00 ? 3  TYR A HB3  1 
ATOM   52  H  HD1  . TYR A 1 3  ? 5.879   4.868   -2.416 1.00 10.00 ? 3  TYR A HD1  1 
ATOM   53  H  HD2  . TYR A 1 3  ? 7.772   1.367   -0.758 1.00 10.00 ? 3  TYR A HD2  1 
ATOM   54  H  HE1  . TYR A 1 3  ? 7.831   6.250   -1.743 1.00 10.00 ? 3  TYR A HE1  1 
ATOM   55  H  HE2  . TYR A 1 3  ? 9.709   2.747   -0.042 1.00 10.00 ? 3  TYR A HE2  1 
ATOM   56  H  HH   . TYR A 1 3  ? 10.614  4.861   0.016  1.00 10.00 ? 3  TYR A HH   1 
ATOM   57  N  N    . VAL A 1 4  ? 4.404   -0.251  -4.355 1.00 10.00 ? 4  VAL A N    1 
ATOM   58  C  CA   . VAL A 1 4  ? 3.248   -0.922  -4.963 1.00 10.00 ? 4  VAL A CA   1 
ATOM   59  C  C    . VAL A 1 4  ? 2.762   -2.016  -4.021 1.00 10.00 ? 4  VAL A C    1 
ATOM   60  O  O    . VAL A 1 4  ? 3.390   -3.068  -3.898 1.00 10.00 ? 4  VAL A O    1 
ATOM   61  C  CB   . VAL A 1 4  ? 3.562   -1.458  -6.376 1.00 10.00 ? 4  VAL A CB   1 
ATOM   62  C  CG1  . VAL A 1 4  ? 2.291   -2.021  -7.032 1.00 10.00 ? 4  VAL A CG1  1 
ATOM   63  C  CG2  . VAL A 1 4  ? 4.107   -0.358  -7.301 1.00 10.00 ? 4  VAL A CG2  1 
ATOM   64  H  H    . VAL A 1 4  ? 5.219   -0.815  -4.165 1.00 10.00 ? 4  VAL A H    1 
ATOM   65  H  HA   . VAL A 1 4  ? 2.439   -0.205  -5.076 1.00 10.00 ? 4  VAL A HA   1 
ATOM   66  H  HB   . VAL A 1 4  ? 4.311   -2.247  -6.304 1.00 10.00 ? 4  VAL A HB   1 
ATOM   67  H  HG11 . VAL A 1 4  ? 1.538   -1.238  -7.135 1.00 10.00 ? 4  VAL A HG11 1 
ATOM   68  H  HG12 . VAL A 1 4  ? 2.529   -2.417  -8.020 1.00 10.00 ? 4  VAL A HG12 1 
ATOM   69  H  HG13 . VAL A 1 4  ? 1.878   -2.829  -6.431 1.00 10.00 ? 4  VAL A HG13 1 
ATOM   70  H  HG21 . VAL A 1 4  ? 5.067   0.005   -6.934 1.00 10.00 ? 4  VAL A HG21 1 
ATOM   71  H  HG22 . VAL A 1 4  ? 4.257   -0.757  -8.305 1.00 10.00 ? 4  VAL A HG22 1 
ATOM   72  H  HG23 . VAL A 1 4  ? 3.407   0.474   -7.348 1.00 10.00 ? 4  VAL A HG23 1 
ATOM   73  N  N    . CYS A 1 5  ? 1.631   -1.758  -3.357 1.00 10.00 ? 5  CYS A N    1 
ATOM   74  C  CA   . CYS A 1 5  ? 0.938   -2.704  -2.487 1.00 10.00 ? 5  CYS A CA   1 
ATOM   75  C  C    . CYS A 1 5  ? 0.211   -3.782  -3.305 1.00 10.00 ? 5  CYS A C    1 
ATOM   76  O  O    . CYS A 1 5  ? -1.029  -3.855  -3.307 1.00 10.00 ? 5  CYS A O    1 
ATOM   77  C  CB   . CYS A 1 5  ? 0.020   -1.964  -1.513 1.00 10.00 ? 5  CYS A CB   1 
ATOM   78  S  SG   . CYS A 1 5  ? -0.531  -3.185  -0.285 1.00 10.00 ? 5  CYS A SG   1 
ATOM   79  H  H    . CYS A 1 5  ? 1.155   -0.882  -3.572 1.00 10.00 ? 5  CYS A H    1 
ATOM   80  H  HA   . CYS A 1 5  ? 1.697   -3.209  -1.885 1.00 10.00 ? 5  CYS A HA   1 
ATOM   81  H  HB2  . CYS A 1 5  ? 0.593   -1.188  -1.011 1.00 10.00 ? 5  CYS A HB2  1 
ATOM   82  H  HB3  . CYS A 1 5  ? -0.806  -1.494  -2.051 1.00 10.00 ? 5  CYS A HB3  1 
ATOM   83  N  N    . HIS A 1 6  ? 1.029   -4.589  -3.993 1.00 10.00 ? 6  HIS A N    1 
ATOM   84  C  CA   . HIS A 1 6  ? 0.730   -5.837  -4.701 1.00 10.00 ? 6  HIS A CA   1 
ATOM   85  C  C    . HIS A 1 6  ? 0.568   -7.006  -3.709 1.00 10.00 ? 6  HIS A C    1 
ATOM   86  O  O    . HIS A 1 6  ? 1.262   -8.018  -3.770 1.00 10.00 ? 6  HIS A O    1 
ATOM   87  C  CB   . HIS A 1 6  ? 1.834   -6.077  -5.749 1.00 10.00 ? 6  HIS A CB   1 
ATOM   88  C  CG   . HIS A 1 6  ? 1.496   -7.051  -6.856 1.00 10.00 ? 6  HIS A CG   1 
ATOM   89  N  ND1  . HIS A 1 6  ? 2.161   -7.136  -8.059 1.00 10.00 ? 6  HIS A ND1  1 
ATOM   90  C  CD2  . HIS A 1 6  ? 0.501   -7.996  -6.885 1.00 10.00 ? 6  HIS A CD2  1 
ATOM   91  C  CE1  . HIS A 1 6  ? 1.582   -8.103  -8.790 1.00 10.00 ? 6  HIS A CE1  1 
ATOM   92  N  NE2  . HIS A 1 6  ? 0.565   -8.659  -8.116 1.00 10.00 ? 6  HIS A NE2  1 
ATOM   93  H  H    . HIS A 1 6  ? 2.015   -4.339  -3.940 1.00 10.00 ? 6  HIS A H    1 
ATOM   94  H  HA   . HIS A 1 6  ? -0.220  -5.722  -5.221 1.00 10.00 ? 6  HIS A HA   1 
ATOM   95  H  HB2  . HIS A 1 6  ? 2.067   -5.127  -6.229 1.00 10.00 ? 6  HIS A HB2  1 
ATOM   96  H  HB3  . HIS A 1 6  ? 2.744   -6.414  -5.248 1.00 10.00 ? 6  HIS A HB3  1 
ATOM   97  H  HD1  . HIS A 1 6  ? 2.950   -6.575  -8.341 1.00 10.00 ? 6  HIS A HD1  1 
ATOM   98  H  HD2  . HIS A 1 6  ? -0.215  -8.202  -6.101 1.00 10.00 ? 6  HIS A HD2  1 
ATOM   99  H  HE1  . HIS A 1 6  ? 1.889   -8.399  -9.785 1.00 10.00 ? 6  HIS A HE1  1 
ATOM   100 N  N    . PHE A 1 7  ? -0.347  -6.823  -2.755 1.00 10.00 ? 7  PHE A N    1 
ATOM   101 C  CA   . PHE A 1 7  ? -0.875  -7.870  -1.875 1.00 10.00 ? 7  PHE A CA   1 
ATOM   102 C  C    . PHE A 1 7  ? -1.486  -9.031  -2.684 1.00 10.00 ? 7  PHE A C    1 
ATOM   103 O  O    . PHE A 1 7  ? -1.713  -8.911  -3.885 1.00 10.00 ? 7  PHE A O    1 
ATOM   104 C  CB   . PHE A 1 7  ? -1.940  -7.212  -0.983 1.00 10.00 ? 7  PHE A CB   1 
ATOM   105 C  CG   . PHE A 1 7  ? -2.488  -8.024  0.173  1.00 10.00 ? 7  PHE A CG   1 
ATOM   106 C  CD1  . PHE A 1 7  ? -1.633  -8.499  1.185  1.00 10.00 ? 7  PHE A CD1  1 
ATOM   107 C  CD2  . PHE A 1 7  ? -3.871  -8.281  0.248  1.00 10.00 ? 7  PHE A CD2  1 
ATOM   108 C  CE1  . PHE A 1 7  ? -2.162  -9.234  2.261  1.00 10.00 ? 7  PHE A CE1  1 
ATOM   109 C  CE2  . PHE A 1 7  ? -4.398  -9.010  1.326  1.00 10.00 ? 7  PHE A CE2  1 
ATOM   110 C  CZ   . PHE A 1 7  ? -3.543  -9.488  2.333  1.00 10.00 ? 7  PHE A CZ   1 
ATOM   111 H  H    . PHE A 1 7  ? -0.811  -5.929  -2.759 1.00 10.00 ? 7  PHE A H    1 
ATOM   112 H  HA   . PHE A 1 7  ? -0.063  -8.258  -1.259 1.00 10.00 ? 7  PHE A HA   1 
ATOM   113 H  HB2  . PHE A 1 7  ? -1.556  -6.270  -0.595 1.00 10.00 ? 7  PHE A HB2  1 
ATOM   114 H  HB3  . PHE A 1 7  ? -2.781  -6.984  -1.625 1.00 10.00 ? 7  PHE A HB3  1 
ATOM   115 H  HD1  . PHE A 1 7  ? -0.572  -8.299  1.143  1.00 10.00 ? 7  PHE A HD1  1 
ATOM   116 H  HD2  . PHE A 1 7  ? -4.539  -7.916  -0.518 1.00 10.00 ? 7  PHE A HD2  1 
ATOM   117 H  HE1  . PHE A 1 7  ? -1.507  -9.607  3.037  1.00 10.00 ? 7  PHE A HE1  1 
ATOM   118 H  HE2  . PHE A 1 7  ? -5.460  -9.206  1.382  1.00 10.00 ? 7  PHE A HE2  1 
ATOM   119 H  HZ   . PHE A 1 7  ? -3.947  -10.053 3.161  1.00 10.00 ? 7  PHE A HZ   1 
ATOM   120 N  N    . GLU A 1 8  ? -1.878  -10.121 -2.017 1.00 10.00 ? 8  GLU A N    1 
ATOM   121 C  CA   . GLU A 1 8  ? -2.499  -11.324 -2.607 1.00 10.00 ? 8  GLU A CA   1 
ATOM   122 C  C    . GLU A 1 8  ? -3.879  -11.115 -3.287 1.00 10.00 ? 8  GLU A C    1 
ATOM   123 O  O    . GLU A 1 8  ? -4.573  -12.074 -3.614 1.00 10.00 ? 8  GLU A O    1 
ATOM   124 C  CB   . GLU A 1 8  ? -2.619  -12.391 -1.512 1.00 10.00 ? 8  GLU A CB   1 
ATOM   125 C  CG   . GLU A 1 8  ? -1.275  -12.728 -0.850 1.00 10.00 ? 8  GLU A CG   1 
ATOM   126 C  CD   . GLU A 1 8  ? -1.392  -13.991 0.005  1.00 10.00 ? 8  GLU A CD   1 
ATOM   127 O  OE1  . GLU A 1 8  ? -1.965  -13.884 1.111  1.00 10.00 ? 8  GLU A OE1  1 
ATOM   128 O  OE2  . GLU A 1 8  ? -0.908  -15.046 -0.463 1.00 10.00 ? 8  GLU A OE2  1 
ATOM   129 H  H    . GLU A 1 8  ? -1.709  -10.155 -1.020 1.00 10.00 ? 8  GLU A H    1 
ATOM   130 H  HA   . GLU A 1 8  ? -1.829  -11.705 -3.378 1.00 10.00 ? 8  GLU A HA   1 
ATOM   131 H  HB2  . GLU A 1 8  ? -3.322  -12.054 -0.748 1.00 10.00 ? 8  GLU A HB2  1 
ATOM   132 H  HB3  . GLU A 1 8  ? -3.015  -13.289 -1.977 1.00 10.00 ? 8  GLU A HB3  1 
ATOM   133 H  HG2  . GLU A 1 8  ? -0.519  -12.873 -1.625 1.00 10.00 ? 8  GLU A HG2  1 
ATOM   134 H  HG3  . GLU A 1 8  ? -0.958  -11.892 -0.221 1.00 10.00 ? 8  GLU A HG3  1 
ATOM   135 N  N    . ASN A 1 9  ? -4.278  -9.858  -3.484 1.00 10.00 ? 9  ASN A N    1 
ATOM   136 C  CA   . ASN A 1 9  ? -5.504  -9.414  -4.156 1.00 10.00 ? 9  ASN A CA   1 
ATOM   137 C  C    . ASN A 1 9  ? -5.433  -7.930  -4.576 1.00 10.00 ? 9  ASN A C    1 
ATOM   138 O  O    . ASN A 1 9  ? -6.027  -7.553  -5.582 1.00 10.00 ? 9  ASN A O    1 
ATOM   139 C  CB   . ASN A 1 9  ? -6.691  -9.645  -3.200 1.00 10.00 ? 9  ASN A CB   1 
ATOM   140 C  CG   . ASN A 1 9  ? -8.024  -9.261  -3.818 1.00 10.00 ? 9  ASN A CG   1 
ATOM   141 O  OD1  . ASN A 1 9  ? -8.648  -10.030 -4.528 1.00 10.00 ? 9  ASN A OD1  1 
ATOM   142 N  ND2  . ASN A 1 9  ? -8.507  -8.067  -3.553 1.00 10.00 ? 9  ASN A ND2  1 
ATOM   143 H  H    . ASN A 1 9  ? -3.528  -9.193  -3.378 1.00 10.00 ? 9  ASN A H    1 
ATOM   144 H  HA   . ASN A 1 9  ? -5.652  -10.012 -5.058 1.00 10.00 ? 9  ASN A HA   1 
ATOM   145 H  HB2  . ASN A 1 9  ? -6.759  -10.701 -2.953 1.00 10.00 ? 9  ASN A HB2  1 
ATOM   146 H  HB3  . ASN A 1 9  ? -6.541  -9.089  -2.276 1.00 10.00 ? 9  ASN A HB3  1 
ATOM   147 H  HD21 . ASN A 1 9  ? -7.984  -7.397  -3.021 1.00 10.00 ? 9  ASN A HD21 1 
ATOM   148 H  HD22 . ASN A 1 9  ? -9.374  -7.846  -4.006 1.00 10.00 ? 9  ASN A HD22 1 
ATOM   149 N  N    . CYS A 1 10 ? -4.733  -7.092  -3.796 1.00 10.00 ? 10 CYS A N    1 
ATOM   150 C  CA   . CYS A 1 10 ? -4.476  -5.685  -4.107 1.00 10.00 ? 10 CYS A CA   1 
ATOM   151 C  C    . CYS A 1 10 ? -3.435  -5.523  -5.237 1.00 10.00 ? 10 CYS A C    1 
ATOM   152 O  O    . CYS A 1 10 ? -2.916  -6.477  -5.814 1.00 10.00 ? 10 CYS A O    1 
ATOM   153 C  CB   . CYS A 1 10 ? -3.999  -4.993  -2.819 1.00 10.00 ? 10 CYS A CB   1 
ATOM   154 S  SG   . CYS A 1 10 ? -4.140  -3.189  -2.856 1.00 10.00 ? 10 CYS A SG   1 
ATOM   155 H  H    . CYS A 1 10 ? -4.279  -7.473  -2.986 1.00 10.00 ? 10 CYS A H    1 
ATOM   156 H  HA   . CYS A 1 10 ? -5.411  -5.218  -4.425 1.00 10.00 ? 10 CYS A HA   1 
ATOM   157 H  HB2  . CYS A 1 10 ? -4.575  -5.367  -1.975 1.00 10.00 ? 10 CYS A HB2  1 
ATOM   158 H  HB3  . CYS A 1 10 ? -2.953  -5.256  -2.730 1.00 10.00 ? 10 CYS A HB3  1 
ATOM   159 N  N    . GLY A 1 11 ? -3.095  -4.265  -5.487 1.00 10.00 ? 11 GLY A N    1 
ATOM   160 C  CA   . GLY A 1 11 ? -2.172  -3.816  -6.527 1.00 10.00 ? 11 GLY A CA   1 
ATOM   161 C  C    . GLY A 1 11 ? -1.987  -2.300  -6.559 1.00 10.00 ? 11 GLY A C    1 
ATOM   162 O  O    . GLY A 1 11 ? -1.827  -1.737  -7.641 1.00 10.00 ? 11 GLY A O    1 
ATOM   163 H  H    . GLY A 1 11 ? -3.466  -3.602  -4.812 1.00 10.00 ? 11 GLY A H    1 
ATOM   164 H  HA2  . GLY A 1 11 ? -1.199  -4.270  -6.364 1.00 10.00 ? 11 GLY A HA2  1 
ATOM   165 H  HA3  . GLY A 1 11 ? -2.549  -4.142  -7.496 1.00 10.00 ? 11 GLY A HA3  1 
ATOM   166 N  N    . ARG A 1 12 ? -2.077  -1.615  -5.407 1.00 10.00 ? 12 ARG A N    1 
ATOM   167 C  CA   . ARG A 1 12 ? -2.126  -0.139  -5.400 1.00 10.00 ? 12 ARG A CA   1 
ATOM   168 C  C    . ARG A 1 12 ? -0.730  0.491   -5.398 1.00 10.00 ? 12 ARG A C    1 
ATOM   169 O  O    . ARG A 1 12 ? 0.076   0.191   -4.525 1.00 10.00 ? 12 ARG A O    1 
ATOM   170 C  CB   . ARG A 1 12 ? -2.955  0.409   -4.229 1.00 10.00 ? 12 ARG A CB   1 
ATOM   171 C  CG   . ARG A 1 12 ? -4.470  0.343   -4.493 1.00 10.00 ? 12 ARG A CG   1 
ATOM   172 C  CD   . ARG A 1 12 ? -5.187  1.500   -3.777 1.00 10.00 ? 12 ARG A CD   1 
ATOM   173 N  NE   . ARG A 1 12 ? -6.590  1.651   -4.210 1.00 10.00 ? 12 ARG A NE   1 
ATOM   174 C  CZ   . ARG A 1 12 ? -7.019  2.270   -5.307 1.00 10.00 ? 12 ARG A CZ   1 
ATOM   175 N  NH1  . ARG A 1 12 ? -6.197  2.779   -6.196 1.00 10.00 ? 12 ARG A NH1  1 
ATOM   176 N  NH2  . ARG A 1 12 ? -8.305  2.394   -5.534 1.00 10.00 ? 12 ARG A NH2  1 
ATOM   177 H  H    . ARG A 1 12 ? -2.069  -2.138  -4.531 1.00 10.00 ? 12 ARG A H    1 
ATOM   178 H  HA   . ARG A 1 12 ? -2.604  0.178   -6.325 1.00 10.00 ? 12 ARG A HA   1 
ATOM   179 H  HB2  . ARG A 1 12 ? -2.708  -0.114  -3.304 1.00 10.00 ? 12 ARG A HB2  1 
ATOM   180 H  HB3  . ARG A 1 12 ? -2.675  1.457   -4.104 1.00 10.00 ? 12 ARG A HB3  1 
ATOM   181 H  HG2  . ARG A 1 12 ? -4.667  0.417   -5.560 1.00 10.00 ? 12 ARG A HG2  1 
ATOM   182 H  HG3  . ARG A 1 12 ? -4.867  -0.613  -4.152 1.00 10.00 ? 12 ARG A HG3  1 
ATOM   183 H  HD2  . ARG A 1 12 ? -5.156  1.323   -2.702 1.00 10.00 ? 12 ARG A HD2  1 
ATOM   184 H  HD3  . ARG A 1 12 ? -4.657  2.434   -3.972 1.00 10.00 ? 12 ARG A HD3  1 
ATOM   185 H  HE   . ARG A 1 12 ? -7.293  1.263   -3.604 1.00 10.00 ? 12 ARG A HE   1 
ATOM   186 H  HH11 . ARG A 1 12 ? -5.208  2.696   -6.046 1.00 10.00 ? 12 ARG A HH11 1 
ATOM   187 H  HH12 . ARG A 1 12 ? -6.546  3.233   -7.022 1.00 10.00 ? 12 ARG A HH12 1 
ATOM   188 H  HH21 . ARG A 1 12 ? -8.979  2.043   -4.877 1.00 10.00 ? 12 ARG A HH21 1 
ATOM   189 H  HH22 . ARG A 1 12 ? -8.625  2.857   -6.365 1.00 10.00 ? 12 ARG A HH22 1 
ATOM   190 N  N    . SER A 1 13 ? -0.475  1.399   -6.347 1.00 10.00 ? 13 SER A N    1 
ATOM   191 C  CA   . SER A 1 13 ? 0.790   2.129   -6.471 1.00 10.00 ? 13 SER A CA   1 
ATOM   192 C  C    . SER A 1 13 ? 0.738   3.489   -5.764 1.00 10.00 ? 13 SER A C    1 
ATOM   193 O  O    . SER A 1 13 ? -0.282  4.180   -5.806 1.00 10.00 ? 13 SER A O    1 
ATOM   194 C  CB   . SER A 1 13 ? 1.103   2.334   -7.955 1.00 10.00 ? 13 SER A CB   1 
ATOM   195 O  OG   . SER A 1 13 ? 2.401   2.869   -8.107 1.00 10.00 ? 13 SER A OG   1 
ATOM   196 H  H    . SER A 1 13 ? -1.195  1.625   -7.013 1.00 10.00 ? 13 SER A H    1 
ATOM   197 H  HA   . SER A 1 13 ? 1.586   1.531   -6.027 1.00 10.00 ? 13 SER A HA   1 
ATOM   198 H  HB2  . SER A 1 13 ? 1.051   1.375   -8.473 1.00 10.00 ? 13 SER A HB2  1 
ATOM   199 H  HB3  . SER A 1 13 ? 0.371   3.015   -8.393 1.00 10.00 ? 13 SER A HB3  1 
ATOM   200 H  HG   . SER A 1 13 ? 2.558   3.056   -9.037 1.00 10.00 ? 13 SER A HG   1 
ATOM   201 N  N    . PHE A 1 14 ? 1.856   3.874   -5.143 1.00 10.00 ? 14 PHE A N    1 
ATOM   202 C  CA   . PHE A 1 14 ? 2.025   5.056   -4.305 1.00 10.00 ? 14 PHE A CA   1 
ATOM   203 C  C    . PHE A 1 14 ? 3.401   5.691   -4.523 1.00 10.00 ? 14 PHE A C    1 
ATOM   204 O  O    . PHE A 1 14 ? 4.366   4.991   -4.828 1.00 10.00 ? 14 PHE A O    1 
ATOM   205 C  CB   . PHE A 1 14 ? 1.931   4.620   -2.838 1.00 10.00 ? 14 PHE A CB   1 
ATOM   206 C  CG   . PHE A 1 14 ? 0.660   3.897   -2.447 1.00 10.00 ? 14 PHE A CG   1 
ATOM   207 C  CD1  . PHE A 1 14 ? -0.593  4.490   -2.696 1.00 10.00 ? 14 PHE A CD1  1 
ATOM   208 C  CD2  . PHE A 1 14 ? 0.727   2.634   -1.825 1.00 10.00 ? 14 PHE A CD2  1 
ATOM   209 C  CE1  . PHE A 1 14 ? -1.771  3.842   -2.301 1.00 10.00 ? 14 PHE A CE1  1 
ATOM   210 C  CE2  . PHE A 1 14 ? -0.454  1.985   -1.428 1.00 10.00 ? 14 PHE A CE2  1 
ATOM   211 C  CZ   . PHE A 1 14 ? -1.698  2.598   -1.659 1.00 10.00 ? 14 PHE A CZ   1 
ATOM   212 H  H    . PHE A 1 14 ? 2.626   3.210   -5.116 1.00 10.00 ? 14 PHE A H    1 
ATOM   213 H  HA   . PHE A 1 14 ? 1.248   5.787   -4.530 1.00 10.00 ? 14 PHE A HA   1 
ATOM   214 H  HB2  . PHE A 1 14 ? 2.790   3.989   -2.610 1.00 10.00 ? 14 PHE A HB2  1 
ATOM   215 H  HB3  . PHE A 1 14 ? 2.033   5.498   -2.212 1.00 10.00 ? 14 PHE A HB3  1 
ATOM   216 H  HD1  . PHE A 1 14 ? -0.650  5.448   -3.191 1.00 10.00 ? 14 PHE A HD1  1 
ATOM   217 H  HD2  . PHE A 1 14 ? 1.684   2.164   -1.655 1.00 10.00 ? 14 PHE A HD2  1 
ATOM   218 H  HE1  . PHE A 1 14 ? -2.730  4.304   -2.487 1.00 10.00 ? 14 PHE A HE1  1 
ATOM   219 H  HE2  . PHE A 1 14 ? -0.404  1.021   -0.946 1.00 10.00 ? 14 PHE A HE2  1 
ATOM   220 H  HZ   . PHE A 1 14 ? -2.605  2.118   -1.335 1.00 10.00 ? 14 PHE A HZ   1 
ATOM   221 N  N    . ASN A 1 15 ? 3.511   7.002   -4.270 1.00 10.00 ? 15 ASN A N    1 
ATOM   222 C  CA   . ASN A 1 15 ? 4.730   7.785   -4.507 1.00 10.00 ? 15 ASN A CA   1 
ATOM   223 C  C    . ASN A 1 15 ? 5.395   8.275   -3.199 1.00 10.00 ? 15 ASN A C    1 
ATOM   224 O  O    . ASN A 1 15 ? 6.301   9.105   -3.235 1.00 10.00 ? 15 ASN A O    1 
ATOM   225 C  CB   . ASN A 1 15 ? 4.397   8.902   -5.510 1.00 10.00 ? 15 ASN A CB   1 
ATOM   226 C  CG   . ASN A 1 15 ? 5.616   9.362   -6.297 1.00 10.00 ? 15 ASN A CG   1 
ATOM   227 O  OD1  . ASN A 1 15 ? 6.067   8.699   -7.217 1.00 10.00 ? 15 ASN A OD1  1 
ATOM   228 N  ND2  . ASN A 1 15 ? 6.159   10.521  -5.989 1.00 10.00 ? 15 ASN A ND2  1 
ATOM   229 H  H    . ASN A 1 15 ? 2.688   7.514   -3.989 1.00 10.00 ? 15 ASN A H    1 
ATOM   230 H  HA   . ASN A 1 15 ? 5.463   7.147   -4.995 1.00 10.00 ? 15 ASN A HA   1 
ATOM   231 H  HB2  . ASN A 1 15 ? 3.676   8.534   -6.241 1.00 10.00 ? 15 ASN A HB2  1 
ATOM   232 H  HB3  . ASN A 1 15 ? 3.952   9.748   -4.993 1.00 10.00 ? 15 ASN A HB3  1 
ATOM   233 H  HD21 . ASN A 1 15 ? 5.863   11.005  -5.160 1.00 10.00 ? 15 ASN A HD21 1 
ATOM   234 H  HD22 . ASN A 1 15 ? 6.960   10.799  -6.525 1.00 10.00 ? 15 ASN A HD22 1 
ATOM   235 N  N    . ASP A 1 16 ? 4.960   7.760   -2.039 1.00 10.00 ? 16 ASP A N    1 
ATOM   236 C  CA   . ASP A 1 16 ? 5.557   8.000   -0.735 1.00 10.00 ? 16 ASP A CA   1 
ATOM   237 C  C    . ASP A 1 16 ? 5.146   6.908   0.259  1.00 10.00 ? 16 ASP A C    1 
ATOM   238 O  O    . ASP A 1 16 ? 4.019   6.407   0.221  1.00 10.00 ? 16 ASP A O    1 
ATOM   239 C  CB   . ASP A 1 16 ? 5.198   9.386   -0.172 1.00 10.00 ? 16 ASP A CB   1 
ATOM   240 C  CG   . ASP A 1 16 ? 3.733   9.829   -0.189 1.00 10.00 ? 16 ASP A CG   1 
ATOM   241 O  OD1  . ASP A 1 16 ? 3.042   9.759   -1.228 1.00 10.00 ? 16 ASP A OD1  1 
ATOM   242 O  OD2  . ASP A 1 16 ? 3.280   10.328  0.869  1.00 10.00 ? 16 ASP A OD2  1 
ATOM   243 H  H    . ASP A 1 16 ? 4.160   7.146   -2.030 1.00 10.00 ? 16 ASP A H    1 
ATOM   244 H  HA   . ASP A 1 16 ? 6.641   7.967   -0.844 1.00 10.00 ? 16 ASP A HA   1 
ATOM   245 H  HB2  . ASP A 1 16 ? 5.485   9.348   0.873  1.00 10.00 ? 16 ASP A HB2  1 
ATOM   246 H  HB3  . ASP A 1 16 ? 5.799   10.145  -0.675 1.00 10.00 ? 16 ASP A HB3  1 
ATOM   247 N  N    . ARG A 1 17 ? 6.052   6.578   1.195  1.00 10.00 ? 17 ARG A N    1 
ATOM   248 C  CA   . ARG A 1 17 ? 5.806   5.584   2.246  1.00 10.00 ? 17 ARG A CA   1 
ATOM   249 C  C    . ARG A 1 17 ? 4.560   5.883   3.076  1.00 10.00 ? 17 ARG A C    1 
ATOM   250 O  O    . ARG A 1 17 ? 3.880   4.936   3.467  1.00 10.00 ? 17 ARG A O    1 
ATOM   251 C  CB   . ARG A 1 17 ? 7.030   5.447   3.175  1.00 10.00 ? 17 ARG A CB   1 
ATOM   252 C  CG   . ARG A 1 17 ? 7.975   4.292   2.788  1.00 10.00 ? 17 ARG A CG   1 
ATOM   253 C  CD   . ARG A 1 17 ? 8.219   3.334   3.965  1.00 10.00 ? 17 ARG A CD   1 
ATOM   254 N  NE   . ARG A 1 17 ? 7.013   2.542   4.280  1.00 10.00 ? 17 ARG A NE   1 
ATOM   255 C  CZ   . ARG A 1 17 ? 6.814   1.789   5.356  1.00 10.00 ? 17 ARG A CZ   1 
ATOM   256 N  NH1  . ARG A 1 17 ? 7.705   1.693   6.317  1.00 10.00 ? 17 ARG A NH1  1 
ATOM   257 N  NH2  . ARG A 1 17 ? 5.699   1.111   5.482  1.00 10.00 ? 17 ARG A NH2  1 
ATOM   258 H  H    . ARG A 1 17 ? 6.960   7.021   1.161  1.00 10.00 ? 17 ARG A H    1 
ATOM   259 H  HA   . ARG A 1 17 ? 5.603   4.627   1.763  1.00 10.00 ? 17 ARG A HA   1 
ATOM   260 H  HB2  . ARG A 1 17 ? 7.593   6.383   3.188  1.00 10.00 ? 17 ARG A HB2  1 
ATOM   261 H  HB3  . ARG A 1 17 ? 6.678   5.288   4.195  1.00 10.00 ? 17 ARG A HB3  1 
ATOM   262 H  HG2  . ARG A 1 17 ? 7.571   3.721   1.952  1.00 10.00 ? 17 ARG A HG2  1 
ATOM   263 H  HG3  . ARG A 1 17 ? 8.931   4.713   2.476  1.00 10.00 ? 17 ARG A HG3  1 
ATOM   264 H  HD2  . ARG A 1 17 ? 9.031   2.654   3.702  1.00 10.00 ? 17 ARG A HD2  1 
ATOM   265 H  HD3  . ARG A 1 17 ? 8.524   3.918   4.836  1.00 10.00 ? 17 ARG A HD3  1 
ATOM   266 H  HE   . ARG A 1 17 ? 6.265   2.581   3.610  1.00 10.00 ? 17 ARG A HE   1 
ATOM   267 H  HH11 . ARG A 1 17 ? 8.563   2.208   6.237  1.00 10.00 ? 17 ARG A HH11 1 
ATOM   268 H  HH12 . ARG A 1 17 ? 7.536   1.115   7.120  1.00 10.00 ? 17 ARG A HH12 1 
ATOM   269 H  HH21 . ARG A 1 17 ? 4.999   1.143   4.762  1.00 10.00 ? 17 ARG A HH21 1 
ATOM   270 H  HH22 . ARG A 1 17 ? 5.522   0.597   6.326  1.00 10.00 ? 17 ARG A HH22 1 
ATOM   271 N  N    . ARG A 1 18 ? 4.226   7.161   3.320  1.00 10.00 ? 18 ARG A N    1 
ATOM   272 C  CA   . ARG A 1 18 ? 3.040   7.539   4.095  1.00 10.00 ? 18 ARG A CA   1 
ATOM   273 C  C    . ARG A 1 18 ? 1.759   6.981   3.475  1.00 10.00 ? 18 ARG A C    1 
ATOM   274 O  O    . ARG A 1 18 ? 0.942   6.433   4.211  1.00 10.00 ? 18 ARG A O    1 
ATOM   275 C  CB   . ARG A 1 18 ? 2.970   9.067   4.260  1.00 10.00 ? 18 ARG A CB   1 
ATOM   276 C  CG   . ARG A 1 18 ? 1.889   9.437   5.285  1.00 10.00 ? 18 ARG A CG   1 
ATOM   277 C  CD   . ARG A 1 18 ? 1.750   10.949  5.479  1.00 10.00 ? 18 ARG A CD   1 
ATOM   278 N  NE   . ARG A 1 18 ? 0.627   11.245  6.389  1.00 10.00 ? 18 ARG A NE   1 
ATOM   279 C  CZ   . ARG A 1 18 ? -0.050  12.383  6.482  1.00 10.00 ? 18 ARG A CZ   1 
ATOM   280 N  NH1  . ARG A 1 18 ? 0.278   13.446  5.785  1.00 10.00 ? 18 ARG A NH1  1 
ATOM   281 N  NH2  . ARG A 1 18 ? -1.086  12.466  7.284  1.00 10.00 ? 18 ARG A NH2  1 
ATOM   282 H  H    . ARG A 1 18 ? 4.819   7.892   2.959  1.00 10.00 ? 18 ARG A H    1 
ATOM   283 H  HA   . ARG A 1 18 ? 3.129   7.087   5.088  1.00 10.00 ? 18 ARG A HA   1 
ATOM   284 H  HB2  . ARG A 1 18 ? 3.934   9.439   4.613  1.00 10.00 ? 18 ARG A HB2  1 
ATOM   285 H  HB3  . ARG A 1 18 ? 2.742   9.533   3.301  1.00 10.00 ? 18 ARG A HB3  1 
ATOM   286 H  HG2  . ARG A 1 18 ? 0.924   9.049   4.955  1.00 10.00 ? 18 ARG A HG2  1 
ATOM   287 H  HG3  . ARG A 1 18 ? 2.145   8.975   6.239  1.00 10.00 ? 18 ARG A HG3  1 
ATOM   288 H  HD2  . ARG A 1 18 ? 2.678   11.347  5.895  1.00 10.00 ? 18 ARG A HD2  1 
ATOM   289 H  HD3  . ARG A 1 18 ? 1.570   11.406  4.504  1.00 10.00 ? 18 ARG A HD3  1 
ATOM   290 H  HE   . ARG A 1 18 ? 0.330   10.492  6.987  1.00 10.00 ? 18 ARG A HE   1 
ATOM   291 H  HH11 . ARG A 1 18 ? 1.096   13.406  5.204  1.00 10.00 ? 18 ARG A HH11 1 
ATOM   292 H  HH12 . ARG A 1 18 ? -0.243  14.300  5.873  1.00 10.00 ? 18 ARG A HH12 1 
ATOM   293 H  HH21 . ARG A 1 18 ? -1.365  11.678  7.842  1.00 10.00 ? 18 ARG A HH21 1 
ATOM   294 H  HH22 . ARG A 1 18 ? -1.595  13.329  7.362  1.00 10.00 ? 18 ARG A HH22 1 
ATOM   295 N  N    . LYS A 1 19 ? 1.603   7.043   2.142  1.00 10.00 ? 19 LYS A N    1 
ATOM   296 C  CA   . LYS A 1 19 ? 0.447   6.451   1.447  1.00 10.00 ? 19 LYS A CA   1 
ATOM   297 C  C    . LYS A 1 19 ? 0.328   4.941   1.666  1.00 10.00 ? 19 LYS A C    1 
ATOM   298 O  O    . LYS A 1 19 ? -0.783  4.432   1.785  1.00 10.00 ? 19 LYS A O    1 
ATOM   299 C  CB   . LYS A 1 19 ? 0.501   6.764   -0.056 1.00 10.00 ? 19 LYS A CB   1 
ATOM   300 C  CG   . LYS A 1 19 ? -0.237  8.046   -0.463 1.00 10.00 ? 19 LYS A CG   1 
ATOM   301 C  CD   . LYS A 1 19 ? 0.208   9.283   0.320  1.00 10.00 ? 19 LYS A CD   1 
ATOM   302 C  CE   . LYS A 1 19 ? 0.188   10.542  -0.548 1.00 10.00 ? 19 LYS A CE   1 
ATOM   303 N  NZ   . LYS A 1 19 ? 1.043   11.588  0.054  1.00 10.00 ? 19 LYS A NZ   1 
ATOM   304 H  H    . LYS A 1 19 ? 2.312   7.512   1.579  1.00 10.00 ? 19 LYS A H    1 
ATOM   305 H  HA   . LYS A 1 19 ? -0.465  6.877   1.855  1.00 10.00 ? 19 LYS A HA   1 
ATOM   306 H  HB2  . LYS A 1 19 ? 1.537   6.824   -0.388 1.00 10.00 ? 19 LYS A HB2  1 
ATOM   307 H  HB3  . LYS A 1 19 ? 0.027   5.948   -0.596 1.00 10.00 ? 19 LYS A HB3  1 
ATOM   308 H  HG2  . LYS A 1 19 ? -0.069  8.200   -1.530 1.00 10.00 ? 19 LYS A HG2  1 
ATOM   309 H  HG3  . LYS A 1 19 ? -1.299  7.899   -0.293 1.00 10.00 ? 19 LYS A HG3  1 
ATOM   310 H  HD2  . LYS A 1 19 ? -0.417  9.416   1.204  1.00 10.00 ? 19 LYS A HD2  1 
ATOM   311 H  HD3  . LYS A 1 19 ? 1.225   9.115   0.647  1.00 10.00 ? 19 LYS A HD3  1 
ATOM   312 H  HE2  . LYS A 1 19 ? 0.613   10.280  -1.522 1.00 10.00 ? 19 LYS A HE2  1 
ATOM   313 H  HE3  . LYS A 1 19 ? -0.838  10.891  -0.688 1.00 10.00 ? 19 LYS A HE3  1 
ATOM   314 H  HZ1  . LYS A 1 19 ? 1.960   11.154  0.253  1.00 10.00 ? 19 LYS A HZ1  1 
ATOM   315 H  HZ2  . LYS A 1 19 ? 1.202   12.344  -0.593 1.00 10.00 ? 19 LYS A HZ2  1 
ATOM   316 H  HZ3  . LYS A 1 19 ? 0.665   11.925  0.924  1.00 10.00 ? 19 LYS A HZ3  1 
ATOM   317 N  N    . LEU A 1 20 ? 1.451   4.234   1.801  1.00 10.00 ? 20 LEU A N    1 
ATOM   318 C  CA   . LEU A 1 20 ? 1.469   2.798   2.039  1.00 10.00 ? 20 LEU A CA   1 
ATOM   319 C  C    . LEU A 1 20 ? 1.205   2.488   3.507  1.00 10.00 ? 20 LEU A C    1 
ATOM   320 O  O    . LEU A 1 20 ? 0.409   1.609   3.825  1.00 10.00 ? 20 LEU A O    1 
ATOM   321 C  CB   . LEU A 1 20 ? 2.821   2.241   1.551  1.00 10.00 ? 20 LEU A CB   1 
ATOM   322 C  CG   . LEU A 1 20 ? 3.047   0.747   1.859  1.00 10.00 ? 20 LEU A CG   1 
ATOM   323 C  CD1  . LEU A 1 20 ? 2.044   -0.154  1.137  1.00 10.00 ? 20 LEU A CD1  1 
ATOM   324 C  CD2  . LEU A 1 20 ? 4.463   0.329   1.458  1.00 10.00 ? 20 LEU A CD2  1 
ATOM   325 H  H    . LEU A 1 20 ? 2.325   4.730   1.859  1.00 10.00 ? 20 LEU A H    1 
ATOM   326 H  HA   . LEU A 1 20 ? 0.649   2.362   1.482  1.00 10.00 ? 20 LEU A HA   1 
ATOM   327 H  HB2  . LEU A 1 20 ? 2.900   2.421   0.475  1.00 10.00 ? 20 LEU A HB2  1 
ATOM   328 H  HB3  . LEU A 1 20 ? 3.621   2.803   2.033  1.00 10.00 ? 20 LEU A HB3  1 
ATOM   329 H  HG   . LEU A 1 20 ? 2.956   0.585   2.933  1.00 10.00 ? 20 LEU A HG   1 
ATOM   330 H  HD11 . LEU A 1 20 ? 2.112   0.014   0.063  1.00 10.00 ? 20 LEU A HD11 1 
ATOM   331 H  HD12 . LEU A 1 20 ? 2.265   -1.201  1.347  1.00 10.00 ? 20 LEU A HD12 1 
ATOM   332 H  HD13 . LEU A 1 20 ? 1.031   0.055   1.478  1.00 10.00 ? 20 LEU A HD13 1 
ATOM   333 H  HD21 . LEU A 1 20 ? 5.200   0.968   1.941  1.00 10.00 ? 20 LEU A HD21 1 
ATOM   334 H  HD22 . LEU A 1 20 ? 4.640   -0.704  1.758  1.00 10.00 ? 20 LEU A HD22 1 
ATOM   335 H  HD23 . LEU A 1 20 ? 4.578   0.402   0.378  1.00 10.00 ? 20 LEU A HD23 1 
ATOM   336 N  N    . ASN A 1 21 ? 1.810   3.272   4.396  1.00 10.00 ? 21 ASN A N    1 
ATOM   337 C  CA   . ASN A 1 21 ? 1.627   3.204   5.836  1.00 10.00 ? 21 ASN A CA   1 
ATOM   338 C  C    . ASN A 1 21 ? 0.194   3.572   6.256  1.00 10.00 ? 21 ASN A C    1 
ATOM   339 O  O    . ASN A 1 21 ? -0.216  3.208   7.357  1.00 10.00 ? 21 ASN A O    1 
ATOM   340 C  CB   . ASN A 1 21 ? 2.684   4.101   6.492  1.00 10.00 ? 21 ASN A CB   1 
ATOM   341 C  CG   . ASN A 1 21 ? 3.025   3.647   7.906  1.00 10.00 ? 21 ASN A CG   1 
ATOM   342 O  OD1  . ASN A 1 21 ? 3.358   2.491   8.123  1.00 10.00 ? 21 ASN A OD1  1 
ATOM   343 N  ND2  . ASN A 1 21 ? 3.006   4.525   8.891  1.00 10.00 ? 21 ASN A ND2  1 
ATOM   344 H  H    . ASN A 1 21 ? 2.405   4.005   4.032  1.00 10.00 ? 21 ASN A H    1 
ATOM   345 H  HA   . ASN A 1 21 ? 1.805   2.180   6.151  1.00 10.00 ? 21 ASN A HA   1 
ATOM   346 H  HB2  . ASN A 1 21 ? 3.614   4.057   5.927  1.00 10.00 ? 21 ASN A HB2  1 
ATOM   347 H  HB3  . ASN A 1 21 ? 2.323   5.124   6.472  1.00 10.00 ? 21 ASN A HB3  1 
ATOM   348 H  HD21 . ASN A 1 21 ? 2.756   5.487   8.748  1.00 10.00 ? 21 ASN A HD21 1 
ATOM   349 H  HD22 . ASN A 1 21 ? 3.255   4.179   9.801  1.00 10.00 ? 21 ASN A HD22 1 
ATOM   350 N  N    . ARG A 1 22 ? -0.585  4.221   5.367  1.00 10.00 ? 22 ARG A N    1 
ATOM   351 C  CA   . ARG A 1 22 ? -2.028  4.419   5.573  1.00 10.00 ? 22 ARG A CA   1 
ATOM   352 C  C    . ARG A 1 22 ? -2.871  3.423   4.784  1.00 10.00 ? 22 ARG A C    1 
ATOM   353 O  O    . ARG A 1 22 ? -3.928  3.026   5.262  1.00 10.00 ? 22 ARG A O    1 
ATOM   354 C  CB   . ARG A 1 22 ? -2.461  5.890   5.400  1.00 10.00 ? 22 ARG A CB   1 
ATOM   355 C  CG   . ARG A 1 22 ? -2.410  6.451   3.971  1.00 10.00 ? 22 ARG A CG   1 
ATOM   356 C  CD   . ARG A 1 22 ? -3.562  6.017   3.048  1.00 10.00 ? 22 ARG A CD   1 
ATOM   357 N  NE   . ARG A 1 22 ? -4.491  7.119   2.739  1.00 10.00 ? 22 ARG A NE   1 
ATOM   358 C  CZ   . ARG A 1 22 ? -5.540  7.040   1.927  1.00 10.00 ? 22 ARG A CZ   1 
ATOM   359 N  NH1  . ARG A 1 22 ? -5.848  5.927   1.302  1.00 10.00 ? 22 ARG A NH1  1 
ATOM   360 N  NH2  . ARG A 1 22 ? -6.310  8.085   1.729  1.00 10.00 ? 22 ARG A NH2  1 
ATOM   361 H  H    . ARG A 1 22 ? -0.161  4.509   4.482  1.00 10.00 ? 22 ARG A H    1 
ATOM   362 H  HA   . ARG A 1 22 ? -2.225  4.186   6.613  1.00 10.00 ? 22 ARG A HA   1 
ATOM   363 H  HB2  . ARG A 1 22 ? -3.476  6.010   5.785  1.00 10.00 ? 22 ARG A HB2  1 
ATOM   364 H  HB3  . ARG A 1 22 ? -1.806  6.502   6.023  1.00 10.00 ? 22 ARG A HB3  1 
ATOM   365 H  HG2  . ARG A 1 22 ? -2.375  7.540   4.021  1.00 10.00 ? 22 ARG A HG2  1 
ATOM   366 H  HG3  . ARG A 1 22 ? -1.478  6.122   3.535  1.00 10.00 ? 22 ARG A HG3  1 
ATOM   367 H  HD2  . ARG A 1 22 ? -3.131  5.645   2.116  1.00 10.00 ? 22 ARG A HD2  1 
ATOM   368 H  HD3  . ARG A 1 22 ? -4.130  5.211   3.511  1.00 10.00 ? 22 ARG A HD3  1 
ATOM   369 H  HE   . ARG A 1 22 ? -4.324  8.001   3.194  1.00 10.00 ? 22 ARG A HE   1 
ATOM   370 H  HH11 . ARG A 1 22 ? -5.274  5.118   1.457  1.00 10.00 ? 22 ARG A HH11 1 
ATOM   371 H  HH12 . ARG A 1 22 ? -6.646  5.884   0.698  1.00 10.00 ? 22 ARG A HH12 1 
ATOM   372 H  HH21 . ARG A 1 22 ? -6.110  8.959   2.182  1.00 10.00 ? 22 ARG A HH21 1 
ATOM   373 H  HH22 . ARG A 1 22 ? -7.111  8.014   1.128  1.00 10.00 ? 22 ARG A HH22 1 
ATOM   374 N  N    . HIS A 1 23 ? -2.410  2.967   3.614  1.00 10.00 ? 23 HIS A N    1 
ATOM   375 C  CA   . HIS A 1 23 ? -3.101  1.904   2.884  1.00 10.00 ? 23 HIS A CA   1 
ATOM   376 C  C    . HIS A 1 23 ? -3.072  0.576   3.652  1.00 10.00 ? 23 HIS A C    1 
ATOM   377 O  O    . HIS A 1 23 ? -4.040  -0.176  3.586  1.00 10.00 ? 23 HIS A O    1 
ATOM   378 C  CB   . HIS A 1 23 ? -2.494  1.745   1.489  1.00 10.00 ? 23 HIS A CB   1 
ATOM   379 C  CG   . HIS A 1 23 ? -3.056  0.582   0.716  1.00 10.00 ? 23 HIS A CG   1 
ATOM   380 N  ND1  . HIS A 1 23 ? -4.235  0.545   0.001  1.00 10.00 ? 23 HIS A ND1  1 
ATOM   381 C  CD2  . HIS A 1 23 ? -2.445  -0.628  0.559  1.00 10.00 ? 23 HIS A CD2  1 
ATOM   382 C  CE1  . HIS A 1 23 ? -4.316  -0.656  -0.598 1.00 10.00 ? 23 HIS A CE1  1 
ATOM   383 N  NE2  . HIS A 1 23 ? -3.241  -1.400  -0.293 1.00 10.00 ? 23 HIS A NE2  1 
ATOM   384 H  H    . HIS A 1 23 ? -1.538  3.338   3.237  1.00 10.00 ? 23 HIS A H    1 
ATOM   385 H  HA   . HIS A 1 23 ? -4.150  2.180   2.766  1.00 10.00 ? 23 HIS A HA   1 
ATOM   386 H  HB2  . HIS A 1 23 ? -2.663  2.651   0.904  1.00 10.00 ? 23 HIS A HB2  1 
ATOM   387 H  HB3  . HIS A 1 23 ? -1.420  1.598   1.587  1.00 10.00 ? 23 HIS A HB3  1 
ATOM   388 H  HD1  . HIS A 1 23 ? -4.937  1.268   -0.022 1.00 10.00 ? 23 HIS A HD1  1 
ATOM   389 H  HD2  . HIS A 1 23 ? -1.503  -0.921  1.012  1.00 10.00 ? 23 HIS A HD2  1 
ATOM   390 H  HE1  . HIS A 1 23 ? -5.145  -1.013  -1.205 1.00 10.00 ? 23 HIS A HE1  1 
ATOM   391 N  N    . LYS A 1 24 ? -2.010  0.314   4.432  1.00 10.00 ? 24 LYS A N    1 
ATOM   392 C  CA   . LYS A 1 24 ? -1.834  -0.897  5.241  1.00 10.00 ? 24 LYS A CA   1 
ATOM   393 C  C    . LYS A 1 24 ? -3.051  -1.201  6.121  1.00 10.00 ? 24 LYS A C    1 
ATOM   394 O  O    . LYS A 1 24 ? -3.392  -2.367  6.274  1.00 10.00 ? 24 LYS A O    1 
ATOM   395 C  CB   . LYS A 1 24 ? -0.544  -0.773  6.078  1.00 10.00 ? 24 LYS A CB   1 
ATOM   396 C  CG   . LYS A 1 24 ? 0.072   -2.139  6.411  1.00 10.00 ? 24 LYS A CG   1 
ATOM   397 C  CD   . LYS A 1 24 ? 1.381   -1.959  7.199  1.00 10.00 ? 24 LYS A CD   1 
ATOM   398 C  CE   . LYS A 1 24 ? 2.101   -3.292  7.448  1.00 10.00 ? 24 LYS A CE   1 
ATOM   399 N  NZ   . LYS A 1 24 ? 2.684   -3.856  6.205  1.00 10.00 ? 24 LYS A NZ   1 
ATOM   400 H  H    . LYS A 1 24 ? -1.222  0.952   4.383  1.00 10.00 ? 24 LYS A H    1 
ATOM   401 H  HA   . LYS A 1 24 ? -1.727  -1.733  4.549  1.00 10.00 ? 24 LYS A HA   1 
ATOM   402 H  HB2  . LYS A 1 24 ? 0.199   -0.214  5.512  1.00 10.00 ? 24 LYS A HB2  1 
ATOM   403 H  HB3  . LYS A 1 24 ? -0.752  -0.222  6.997  1.00 10.00 ? 24 LYS A HB3  1 
ATOM   404 H  HG2  . LYS A 1 24 ? -0.628  -2.729  7.002  1.00 10.00 ? 24 LYS A HG2  1 
ATOM   405 H  HG3  . LYS A 1 24 ? 0.281   -2.664  5.477  1.00 10.00 ? 24 LYS A HG3  1 
ATOM   406 H  HD2  . LYS A 1 24 ? 2.048   -1.280  6.665  1.00 10.00 ? 24 LYS A HD2  1 
ATOM   407 H  HD3  . LYS A 1 24 ? 1.145   -1.509  8.164  1.00 10.00 ? 24 LYS A HD3  1 
ATOM   408 H  HE2  . LYS A 1 24 ? 2.897   -3.122  8.178  1.00 10.00 ? 24 LYS A HE2  1 
ATOM   409 H  HE3  . LYS A 1 24 ? 1.390   -3.998  7.885  1.00 10.00 ? 24 LYS A HE3  1 
ATOM   410 H  HZ1  . LYS A 1 24 ? 3.375   -3.224  5.824  1.00 10.00 ? 24 LYS A HZ1  1 
ATOM   411 H  HZ2  . LYS A 1 24 ? 3.130   -4.744  6.396  1.00 10.00 ? 24 LYS A HZ2  1 
ATOM   412 H  HZ3  . LYS A 1 24 ? 1.960   -3.997  5.515  1.00 10.00 ? 24 LYS A HZ3  1 
ATOM   413 N  N    . LYS A 1 25 ? -3.764  -0.167  6.603  1.00 10.00 ? 25 LYS A N    1 
ATOM   414 C  CA   . LYS A 1 25 ? -5.036  -0.302  7.334  1.00 10.00 ? 25 LYS A CA   1 
ATOM   415 C  C    . LYS A 1 25 ? -6.114  -1.096  6.579  1.00 10.00 ? 25 LYS A C    1 
ATOM   416 O  O    . LYS A 1 25 ? -6.883  -1.805  7.218  1.00 10.00 ? 25 LYS A O    1 
ATOM   417 C  CB   . LYS A 1 25 ? -5.555  1.093   7.706  1.00 10.00 ? 25 LYS A CB   1 
ATOM   418 C  CG   . LYS A 1 25 ? -4.705  1.759   8.805  1.00 10.00 ? 25 LYS A CG   1 
ATOM   419 C  CD   . LYS A 1 25 ? -4.663  3.277   8.606  1.00 10.00 ? 25 LYS A CD   1 
ATOM   420 C  CE   . LYS A 1 25 ? -3.938  4.009   9.743  1.00 10.00 ? 25 LYS A CE   1 
ATOM   421 N  NZ   . LYS A 1 25 ? -4.774  4.095   10.964 1.00 10.00 ? 25 LYS A NZ   1 
ATOM   422 H  H    . LYS A 1 25 ? -3.430  0.770   6.403  1.00 10.00 ? 25 LYS A H    1 
ATOM   423 H  HA   . LYS A 1 25 ? -4.852  -0.855  8.254  1.00 10.00 ? 25 LYS A HA   1 
ATOM   424 H  HB2  . LYS A 1 25 ? -5.572  1.709   6.805  1.00 10.00 ? 25 LYS A HB2  1 
ATOM   425 H  HB3  . LYS A 1 25 ? -6.582  1.016   8.069  1.00 10.00 ? 25 LYS A HB3  1 
ATOM   426 H  HG2  . LYS A 1 25 ? -5.133  1.514   9.776  1.00 10.00 ? 25 LYS A HG2  1 
ATOM   427 H  HG3  . LYS A 1 25 ? -3.682  1.385   8.777  1.00 10.00 ? 25 LYS A HG3  1 
ATOM   428 H  HD2  . LYS A 1 25 ? -4.113  3.453   7.684  1.00 10.00 ? 25 LYS A HD2  1 
ATOM   429 H  HD3  . LYS A 1 25 ? -5.673  3.674   8.488  1.00 10.00 ? 25 LYS A HD3  1 
ATOM   430 H  HE2  . LYS A 1 25 ? -3.000  3.490   9.956  1.00 10.00 ? 25 LYS A HE2  1 
ATOM   431 H  HE3  . LYS A 1 25 ? -3.692  5.017   9.399  1.00 10.00 ? 25 LYS A HE3  1 
ATOM   432 H  HZ1  . LYS A 1 25 ? -5.004  3.168   11.298 1.00 10.00 ? 25 LYS A HZ1  1 
ATOM   433 H  HZ2  . LYS A 1 25 ? -4.279  4.592   11.694 1.00 10.00 ? 25 LYS A HZ2  1 
ATOM   434 H  HZ3  . LYS A 1 25 ? -5.634  4.589   10.763 1.00 10.00 ? 25 LYS A HZ3  1 
ATOM   435 N  N    . ILE A 1 26 ? -6.140  -1.047  5.238  1.00 10.00 ? 26 ILE A N    1 
ATOM   436 C  CA   . ILE A 1 26 ? -7.049  -1.849  4.396  1.00 10.00 ? 26 ILE A CA   1 
ATOM   437 C  C    . ILE A 1 26 ? -6.642  -3.342  4.338  1.00 10.00 ? 26 ILE A C    1 
ATOM   438 O  O    . ILE A 1 26 ? -7.326  -4.164  3.726  1.00 10.00 ? 26 ILE A O    1 
ATOM   439 C  CB   . ILE A 1 26 ? -7.185  -1.180  3.001  1.00 10.00 ? 26 ILE A CB   1 
ATOM   440 C  CG1  . ILE A 1 26 ? -8.664  -1.140  2.563  1.00 10.00 ? 26 ILE A CG1  1 
ATOM   441 C  CG2  . ILE A 1 26 ? -6.306  -1.822  1.918  1.00 10.00 ? 26 ILE A CG2  1 
ATOM   442 C  CD1  . ILE A 1 26 ? -8.900  -0.390  1.244  1.00 10.00 ? 26 ILE A CD1  1 
ATOM   443 H  H    . ILE A 1 26 ? -5.427  -0.503  4.760  1.00 10.00 ? 26 ILE A H    1 
ATOM   444 H  HA   . ILE A 1 26 ? -8.025  -1.822  4.881  1.00 10.00 ? 26 ILE A HA   1 
ATOM   445 H  HB   . ILE A 1 26 ? -6.865  -0.139  3.097  1.00 10.00 ? 26 ILE A HB   1 
ATOM   446 H  HG12 . ILE A 1 26 ? -9.045  -2.158  2.466  1.00 10.00 ? 26 ILE A HG12 1 
ATOM   447 H  HG13 . ILE A 1 26 ? -9.240  -0.633  3.339  1.00 10.00 ? 26 ILE A HG13 1 
ATOM   448 H  HG21 . ILE A 1 26 ? -6.731  -2.776  1.609  1.00 10.00 ? 26 ILE A HG21 1 
ATOM   449 H  HG22 . ILE A 1 26 ? -6.269  -1.167  1.054  1.00 10.00 ? 26 ILE A HG22 1 
ATOM   450 H  HG23 . ILE A 1 26 ? -5.289  -1.973  2.282  1.00 10.00 ? 26 ILE A HG23 1 
ATOM   451 H  HD11 . ILE A 1 26 ? -8.487  -0.954  0.407  1.00 10.00 ? 26 ILE A HD11 1 
ATOM   452 H  HD12 . ILE A 1 26 ? -9.971  -0.268  1.084  1.00 10.00 ? 26 ILE A HD12 1 
ATOM   453 H  HD13 . ILE A 1 26 ? -8.433  0.594   1.285  1.00 10.00 ? 26 ILE A HD13 1 
ATOM   454 N  N    . HIS A 1 27 ? -5.525  -3.693  4.983  1.00 10.00 ? 27 HIS A N    1 
ATOM   455 C  CA   . HIS A 1 27 ? -4.989  -5.038  5.152  1.00 10.00 ? 27 HIS A CA   1 
ATOM   456 C  C    . HIS A 1 27 ? -4.679  -5.316  6.646  1.00 10.00 ? 27 HIS A C    1 
ATOM   457 O  O    . HIS A 1 27 ? -3.814  -6.137  6.951  1.00 10.00 ? 27 HIS A O    1 
ATOM   458 C  CB   . HIS A 1 27 ? -3.752  -5.188  4.240  1.00 10.00 ? 27 HIS A CB   1 
ATOM   459 C  CG   . HIS A 1 27 ? -3.980  -4.912  2.765  1.00 10.00 ? 27 HIS A CG   1 
ATOM   460 N  ND1  . HIS A 1 27 ? -5.141  -5.123  2.061  1.00 10.00 ? 27 HIS A ND1  1 
ATOM   461 C  CD2  . HIS A 1 27 ? -3.073  -4.386  1.881  1.00 10.00 ? 27 HIS A CD2  1 
ATOM   462 C  CE1  . HIS A 1 27 ? -4.933  -4.756  0.786  1.00 10.00 ? 27 HIS A CE1  1 
ATOM   463 N  NE2  . HIS A 1 27 ? -3.669  -4.309  0.603  1.00 10.00 ? 27 HIS A NE2  1 
ATOM   464 H  H    . HIS A 1 27 ? -4.943  -2.955  5.369  1.00 10.00 ? 27 HIS A H    1 
ATOM   465 H  HA   . HIS A 1 27 ? -5.741  -5.766  4.846  1.00 10.00 ? 27 HIS A HA   1 
ATOM   466 H  HB2  . HIS A 1 27 ? -2.971  -4.517  4.601  1.00 10.00 ? 27 HIS A HB2  1 
ATOM   467 H  HB3  . HIS A 1 27 ? -3.379  -6.208  4.331  1.00 10.00 ? 27 HIS A HB3  1 
ATOM   468 H  HD1  . HIS A 1 27 ? -6.048  -5.312  2.485  1.00 10.00 ? 27 HIS A HD1  1 
ATOM   469 H  HD2  . HIS A 1 27 ? -2.081  -4.048  2.158  1.00 10.00 ? 27 HIS A HD2  1 
ATOM   470 H  HE1  . HIS A 1 27 ? -5.713  -4.753  0.032  1.00 10.00 ? 27 HIS A HE1  1 
ATOM   471 N  N    . THR A 1 28 ? -5.377  -4.638  7.577  1.00 10.00 ? 28 THR A N    1 
ATOM   472 C  CA   . THR A 1 28 ? -5.197  -4.771  9.034  1.00 10.00 ? 28 THR A CA   1 
ATOM   473 C  C    . THR A 1 28 ? -6.444  -5.372  9.688  1.00 10.00 ? 28 THR A C    1 
ATOM   474 O  O    . THR A 1 28 ? -7.552  -4.879  9.479  1.00 10.00 ? 28 THR A O    1 
ATOM   475 C  CB   . THR A 1 28 ? -4.886  -3.400  9.674  1.00 10.00 ? 28 THR A CB   1 
ATOM   476 O  OG1  . THR A 1 28 ? -3.591  -2.979  9.318  1.00 10.00 ? 28 THR A OG1  1 
ATOM   477 C  CG2  . THR A 1 28 ? -4.888  -3.387  11.207 1.00 10.00 ? 28 THR A CG2  1 
ATOM   478 H  H    . THR A 1 28 ? -6.081  -3.980  7.265  1.00 10.00 ? 28 THR A H    1 
ATOM   479 H  HA   . THR A 1 28 ? -4.348  -5.424  9.234  1.00 10.00 ? 28 THR A HA   1 
ATOM   480 H  HB   . THR A 1 28 ? -5.612  -2.665  9.332  1.00 10.00 ? 28 THR A HB   1 
ATOM   481 H  HG1  . THR A 1 28 ? -3.355  -2.251  9.894  1.00 10.00 ? 28 THR A HG1  1 
ATOM   482 H  HG21 . THR A 1 28 ? -4.241  -4.175  11.592 1.00 10.00 ? 28 THR A HG21 1 
ATOM   483 H  HG22 . THR A 1 28 ? -4.542  -2.421  11.575 1.00 10.00 ? 28 THR A HG22 1 
ATOM   484 H  HG23 . THR A 1 28 ? -5.902  -3.533  11.576 1.00 10.00 ? 28 THR A HG23 1 
ATOM   485 N  N    . ARG A 1 29 ? -6.214  -6.360  10.568 1.00 10.00 ? 29 ARG A N    1 
ATOM   486 C  CA   . ARG A 1 29 ? -7.215  -7.086  11.373 1.00 10.00 ? 29 ARG A CA   1 
ATOM   487 C  C    . ARG A 1 29 ? -8.230  -7.882  10.530 1.00 10.00 ? 29 ARG A C    1 
ATOM   488 O  O    . ARG A 1 29 ? -9.337  -8.132  11.055 1.00 10.00 ? 29 ARG A O    1 
ATOM   489 C  CB   . ARG A 1 29 ? -7.856  -6.123  12.405 1.00 10.00 ? 29 ARG A CB   1 
ATOM   490 C  CG   . ARG A 1 29 ? -7.920  -6.677  13.835 1.00 10.00 ? 29 ARG A CG   1 
ATOM   491 C  CD   . ARG A 1 29 ? -8.739  -7.967  13.982 1.00 10.00 ? 29 ARG A CD   1 
ATOM   492 N  NE   . ARG A 1 29 ? -8.776  -8.417  15.386 1.00 10.00 ? 29 ARG A NE   1 
ATOM   493 C  CZ   . ARG A 1 29 ? -9.574  -7.958  16.342 1.00 10.00 ? 29 ARG A CZ   1 
ATOM   494 N  NH1  . ARG A 1 29 ? -10.492 -7.051  16.102 1.00 10.00 ? 29 ARG A NH1  1 
ATOM   495 N  NH2  . ARG A 1 29 ? -9.452  -8.403  17.569 1.00 10.00 ? 29 ARG A NH2  1 
ATOM   496 O  OXT  . ARG A 1 29 ? -7.837  -8.320  9.428  1.00 10.00 ? 29 ARG A OXT  1 
ATOM   497 H  H    . ARG A 1 29 ? -5.269  -6.706  10.620 1.00 10.00 ? 29 ARG A H    1 
ATOM   498 H  HA   . ARG A 1 29 ? -6.671  -7.853  11.917 1.00 10.00 ? 29 ARG A HA   1 
ATOM   499 H  HB2  . ARG A 1 29 ? -7.274  -5.203  12.455 1.00 10.00 ? 29 ARG A HB2  1 
ATOM   500 H  HB3  . ARG A 1 29 ? -8.858  -5.841  12.075 1.00 10.00 ? 29 ARG A HB3  1 
ATOM   501 H  HG2  . ARG A 1 29 ? -6.904  -6.861  14.187 1.00 10.00 ? 29 ARG A HG2  1 
ATOM   502 H  HG3  . ARG A 1 29 ? -8.358  -5.908  14.471 1.00 10.00 ? 29 ARG A HG3  1 
ATOM   503 H  HD2  . ARG A 1 29 ? -9.752  -7.802  13.610 1.00 10.00 ? 29 ARG A HD2  1 
ATOM   504 H  HD3  . ARG A 1 29 ? -8.284  -8.751  13.378 1.00 10.00 ? 29 ARG A HD3  1 
ATOM   505 H  HE   . ARG A 1 29 ? -8.116  -9.132  15.636 1.00 10.00 ? 29 ARG A HE   1 
ATOM   506 H  HH11 . ARG A 1 29 ? -10.600 -6.725  15.157 1.00 10.00 ? 29 ARG A HH11 1 
ATOM   507 H  HH12 . ARG A 1 29 ? -11.087 -6.711  16.834 1.00 10.00 ? 29 ARG A HH12 1 
ATOM   508 H  HH21 . ARG A 1 29 ? -8.754  -9.091  17.788 1.00 10.00 ? 29 ARG A HH21 1 
ATOM   509 H  HH22 . ARG A 1 29 ? -10.051 -8.048  18.293 1.00 10.00 ? 29 ARG A HH22 1 
HETATM 510 ZN ZN   . ZN  B 2 .  ? -2.623  -3.355  -1.148 1.00 10.00 ? 30 ZN  A ZN   1 
# 
